data_2BJ0
#
_entry.id   2BJ0
#
_cell.length_a   76.945
_cell.length_b   219.018
_cell.length_c   166.965
_cell.angle_alpha   90.00
_cell.angle_beta   90.00
_cell.angle_gamma   90.00
#
_symmetry.space_group_name_H-M   'C 2 2 21'
#
loop_
_entity.id
_entity.type
_entity.pdbx_description
1 polymer 'ACETYLCHOLINE-BINDING PROTEIN'
2 non-polymer '3-CYCLOHEXYL-1-PROPYLSULFONIC ACID'
3 water water
#
_entity_poly.entity_id   1
_entity_poly.type   'polypeptide(L)'
_entity_poly.pdbx_seq_one_letter_code
;QIRWTLLNQITGESDVIPLSNNTPLNVSLNFKLMNIVEADTEKDQVEVVLWTQASWKVPYYSSLLSSSSLDQVSLPVSKM
WTPDLSFYNAIAAPELLSADRVVVSKDGSVIYVPSQRVRFTCDLINVDTEPGATCRIKVGSWTHDNKQFALITGEEGVVN
IAEYFDSPKFDLLSATQSLNRKKYSCCENMYDDIEITFAFRKK
;
_entity_poly.pdbx_strand_id   A,B,C,D,E
#
# COMPACT_ATOMS: atom_id res chain seq x y z
N GLN A 1 25.99 -16.89 10.07
CA GLN A 1 25.62 -16.63 11.50
C GLN A 1 24.73 -17.75 12.12
N ILE A 2 23.98 -18.46 11.26
CA ILE A 2 23.04 -19.53 11.64
C ILE A 2 23.13 -20.60 10.54
N ARG A 3 22.42 -21.70 10.70
CA ARG A 3 22.37 -22.74 9.67
C ARG A 3 21.47 -22.33 8.51
N TRP A 4 22.05 -21.59 7.55
CA TRP A 4 21.29 -20.98 6.45
C TRP A 4 20.55 -21.96 5.57
N THR A 5 21.16 -23.11 5.33
CA THR A 5 20.51 -24.14 4.54
C THR A 5 19.26 -24.71 5.21
N LEU A 6 19.20 -24.68 6.55
CA LEU A 6 17.97 -25.10 7.21
C LEU A 6 16.86 -24.07 6.94
N LEU A 7 17.22 -22.80 6.94
CA LEU A 7 16.27 -21.74 6.69
C LEU A 7 15.61 -21.94 5.33
N ASN A 8 16.35 -22.49 4.38
CA ASN A 8 15.77 -22.83 3.10
C ASN A 8 14.68 -23.90 3.15
N GLN A 9 14.83 -24.90 4.03
CA GLN A 9 13.71 -25.84 4.28
C GLN A 9 12.53 -25.09 4.97
N ILE A 10 12.84 -24.32 6.01
CA ILE A 10 11.86 -23.56 6.81
C ILE A 10 11.06 -22.60 5.92
N THR A 11 11.75 -21.80 5.12
CA THR A 11 11.03 -20.94 4.19
C THR A 11 10.30 -21.75 3.11
N GLY A 12 10.95 -22.81 2.63
CA GLY A 12 10.31 -23.67 1.65
C GLY A 12 9.00 -24.28 2.09
N GLU A 13 8.89 -24.55 3.40
CA GLU A 13 7.71 -25.15 4.01
C GLU A 13 6.75 -24.08 4.56
N SER A 14 7.07 -22.80 4.34
CA SER A 14 6.32 -21.75 5.04
C SER A 14 4.84 -21.57 4.61
N ASP A 15 4.42 -22.19 3.51
CA ASP A 15 3.00 -22.13 3.13
C ASP A 15 2.12 -22.95 4.08
N VAL A 16 2.69 -23.89 4.84
CA VAL A 16 1.86 -24.90 5.54
C VAL A 16 2.14 -24.93 7.05
N ILE A 17 1.11 -25.06 7.86
CA ILE A 17 1.30 -25.09 9.30
C ILE A 17 2.27 -26.24 9.59
N PRO A 18 3.27 -26.00 10.43
CA PRO A 18 4.24 -27.04 10.76
C PRO A 18 3.73 -27.99 11.82
N LEU A 19 3.22 -29.13 11.39
CA LEU A 19 2.78 -30.15 12.32
C LEU A 19 3.75 -31.33 12.37
N SER A 20 3.67 -32.08 13.47
CA SER A 20 4.26 -33.44 13.55
C SER A 20 3.24 -34.34 14.24
N ASN A 21 3.17 -35.60 13.83
CA ASN A 21 2.06 -36.50 14.20
C ASN A 21 0.72 -35.97 13.62
N ASN A 22 -0.39 -36.41 14.20
CA ASN A 22 -1.70 -35.77 14.00
C ASN A 22 -1.84 -34.48 14.81
N THR A 23 -1.56 -34.59 16.10
CA THR A 23 -1.51 -33.48 17.07
C THR A 23 -1.60 -32.08 16.50
N PRO A 24 -2.55 -31.28 16.99
CA PRO A 24 -2.64 -29.86 16.62
C PRO A 24 -1.43 -29.07 17.10
N LEU A 25 -1.07 -28.02 16.37
CA LEU A 25 -0.05 -27.08 16.83
C LEU A 25 -0.67 -26.24 17.93
N ASN A 26 -0.01 -26.18 19.08
CA ASN A 26 -0.46 -25.36 20.19
C ASN A 26 0.03 -23.93 20.01
N VAL A 27 -0.88 -23.00 19.95
CA VAL A 27 -0.44 -21.63 19.84
C VAL A 27 -0.95 -20.87 21.03
N SER A 28 -0.05 -20.29 21.81
CA SER A 28 -0.45 -19.53 22.97
C SER A 28 -0.55 -18.06 22.65
N LEU A 29 -1.64 -17.43 23.07
CA LEU A 29 -1.86 -15.98 22.89
C LEU A 29 -2.08 -15.30 24.22
N ASN A 30 -1.40 -14.18 24.39
CA ASN A 30 -1.64 -13.21 25.46
C ASN A 30 -1.77 -11.86 24.77
N PHE A 31 -2.34 -10.88 25.45
CA PHE A 31 -2.60 -9.59 24.83
C PHE A 31 -2.25 -8.49 25.78
N LYS A 32 -1.89 -7.35 25.21
CA LYS A 32 -1.70 -6.14 25.97
C LYS A 32 -2.54 -5.06 25.32
N LEU A 33 -3.57 -4.58 26.02
CA LEU A 33 -4.33 -3.44 25.56
C LEU A 33 -3.56 -2.20 25.96
N MET A 34 -3.02 -1.49 24.96
CA MET A 34 -2.11 -0.35 25.19
C MET A 34 -2.80 1.01 25.29
N ASN A 35 -3.84 1.18 24.49
CA ASN A 35 -4.48 2.45 24.39
C ASN A 35 -5.85 2.25 23.69
N ILE A 36 -6.78 3.12 23.96
CA ILE A 36 -8.06 3.19 23.25
C ILE A 36 -7.92 4.50 22.55
N VAL A 37 -7.75 4.49 21.21
CA VAL A 37 -7.45 5.74 20.46
C VAL A 37 -8.64 6.45 19.81
N GLU A 38 -9.76 5.76 19.65
CA GLU A 38 -11.02 6.39 19.28
C GLU A 38 -12.16 5.68 20.00
N ALA A 39 -13.15 6.43 20.47
CA ALA A 39 -14.44 5.83 20.82
C ALA A 39 -15.52 6.76 20.33
N ASP A 40 -16.05 6.44 19.15
CA ASP A 40 -16.86 7.37 18.40
C ASP A 40 -18.32 7.05 18.71
N THR A 41 -18.98 7.87 19.52
CA THR A 41 -20.30 7.50 20.04
C THR A 41 -21.38 7.64 19.02
N GLU A 42 -21.16 8.48 18.00
CA GLU A 42 -22.10 8.60 16.91
C GLU A 42 -22.13 7.39 15.98
N LYS A 43 -21.00 6.70 15.84
CA LYS A 43 -20.91 5.55 14.96
C LYS A 43 -20.87 4.26 15.75
N ASP A 44 -20.71 4.35 17.08
CA ASP A 44 -20.50 3.17 17.91
C ASP A 44 -19.31 2.33 17.44
N GLN A 45 -18.15 2.98 17.30
CA GLN A 45 -16.93 2.32 16.88
C GLN A 45 -15.77 2.70 17.80
N VAL A 46 -14.91 1.71 18.03
CA VAL A 46 -13.76 1.82 18.97
C VAL A 46 -12.52 1.35 18.25
N GLU A 47 -11.41 2.05 18.45
CA GLU A 47 -10.10 1.69 17.91
C GLU A 47 -9.18 1.59 19.10
N VAL A 48 -8.45 0.49 19.17
CA VAL A 48 -7.52 0.25 20.25
C VAL A 48 -6.14 0.02 19.66
N VAL A 49 -5.10 0.25 20.46
CA VAL A 49 -3.78 -0.34 20.21
C VAL A 49 -3.61 -1.59 21.07
N LEU A 50 -3.23 -2.68 20.41
CA LEU A 50 -3.19 -4.00 21.02
C LEU A 50 -1.91 -4.71 20.60
N TRP A 51 -1.12 -5.19 21.57
CA TRP A 51 -0.08 -6.17 21.25
C TRP A 51 -0.67 -7.55 21.42
N THR A 52 -0.44 -8.42 20.44
CA THR A 52 -0.80 -9.83 20.45
C THR A 52 0.50 -10.56 20.66
N GLN A 53 0.60 -11.35 21.72
CA GLN A 53 1.83 -12.07 21.98
C GLN A 53 1.59 -13.52 21.65
N ALA A 54 2.08 -13.96 20.49
CA ALA A 54 1.80 -15.30 20.02
C ALA A 54 3.05 -16.16 20.11
N SER A 55 2.92 -17.37 20.69
CA SER A 55 4.05 -18.29 20.63
C SER A 55 3.66 -19.69 20.25
N TRP A 56 4.60 -20.38 19.60
CA TRP A 56 4.41 -21.77 19.23
C TRP A 56 5.78 -22.37 19.12
N LYS A 57 5.87 -23.70 19.02
CA LYS A 57 7.17 -24.37 18.99
C LYS A 57 7.25 -25.33 17.82
N VAL A 58 8.39 -25.30 17.13
CA VAL A 58 8.67 -26.22 16.04
C VAL A 58 10.01 -26.88 16.34
N PRO A 59 9.99 -28.10 16.86
CA PRO A 59 11.22 -28.83 17.20
C PRO A 59 12.35 -28.75 16.14
N TYR A 60 12.02 -29.02 14.87
CA TYR A 60 13.07 -29.02 13.85
C TYR A 60 13.83 -27.67 13.67
N TYR A 61 13.22 -26.56 14.11
CA TYR A 61 13.84 -25.22 14.10
C TYR A 61 15.05 -25.10 15.01
N SER A 62 15.13 -25.98 16.02
CA SER A 62 16.23 -25.85 17.01
C SER A 62 17.63 -25.97 16.39
N SER A 63 17.73 -26.62 15.25
CA SER A 63 19.01 -26.80 14.58
C SER A 63 19.48 -25.52 13.88
N LEU A 64 18.67 -24.48 13.96
CA LEU A 64 19.01 -23.23 13.33
C LEU A 64 20.15 -22.60 14.10
N LEU A 65 20.20 -22.87 15.40
CA LEU A 65 21.10 -22.18 16.31
C LEU A 65 22.14 -23.06 17.00
N SER A 66 21.81 -24.33 17.22
CA SER A 66 22.61 -25.29 18.03
C SER A 66 24.15 -25.13 18.02
N SER A 67 24.71 -24.65 16.90
CA SER A 67 26.16 -24.40 16.81
C SER A 67 26.51 -22.94 16.48
N SER A 68 25.76 -22.01 17.05
CA SER A 68 26.08 -20.60 16.90
C SER A 68 26.09 -19.95 18.27
N SER A 69 26.76 -18.80 18.36
CA SER A 69 26.89 -18.07 19.62
C SER A 69 25.53 -17.59 20.09
N LEU A 70 24.74 -17.05 19.15
CA LEU A 70 23.37 -16.54 19.37
C LEU A 70 22.49 -17.49 20.21
N ASP A 71 21.87 -16.96 21.26
CA ASP A 71 20.92 -17.74 22.08
C ASP A 71 19.52 -17.74 21.46
N GLN A 72 19.27 -16.74 20.63
CA GLN A 72 18.06 -16.65 19.84
C GLN A 72 18.33 -15.78 18.60
N VAL A 73 17.41 -15.85 17.65
CA VAL A 73 17.57 -15.11 16.41
C VAL A 73 16.21 -14.53 16.02
N SER A 74 16.25 -13.27 15.62
CA SER A 74 15.12 -12.58 15.07
C SER A 74 15.16 -12.68 13.52
N LEU A 75 14.04 -13.05 12.92
CA LEU A 75 13.91 -13.21 11.48
C LEU A 75 12.66 -12.52 10.97
N PRO A 76 12.68 -12.09 9.71
CA PRO A 76 11.51 -11.54 9.11
C PRO A 76 10.45 -12.63 9.08
N VAL A 77 9.24 -12.20 9.36
CA VAL A 77 8.05 -12.98 9.30
C VAL A 77 7.87 -13.74 8.00
N SER A 78 8.31 -13.17 6.87
CA SER A 78 8.20 -13.85 5.59
C SER A 78 9.04 -15.13 5.48
N LYS A 79 9.95 -15.37 6.43
CA LYS A 79 10.85 -16.53 6.37
C LYS A 79 10.26 -17.83 6.92
N MET A 80 9.12 -17.76 7.58
CA MET A 80 8.51 -19.00 8.11
C MET A 80 7.01 -18.90 8.18
N TRP A 81 6.32 -20.03 8.37
CA TRP A 81 4.91 -19.99 8.62
C TRP A 81 4.68 -19.23 9.92
N THR A 82 3.65 -18.39 9.93
CA THR A 82 3.17 -17.72 11.15
C THR A 82 1.66 -17.83 11.19
N PRO A 83 1.07 -17.79 12.39
CA PRO A 83 -0.38 -18.01 12.50
C PRO A 83 -1.18 -16.99 11.68
N ASP A 84 -2.21 -17.45 11.00
CA ASP A 84 -3.10 -16.52 10.28
C ASP A 84 -4.20 -16.02 11.19
N LEU A 85 -3.83 -15.36 12.29
CA LEU A 85 -4.81 -14.77 13.22
C LEU A 85 -5.56 -13.63 12.57
N SER A 86 -6.88 -13.68 12.67
CA SER A 86 -7.70 -12.59 12.22
C SER A 86 -8.54 -12.14 13.39
N PHE A 87 -8.90 -10.86 13.38
CA PHE A 87 -9.91 -10.34 14.27
C PHE A 87 -11.25 -10.52 13.61
N TYR A 88 -12.03 -11.48 14.12
CA TYR A 88 -13.30 -11.87 13.52
C TYR A 88 -14.32 -10.74 13.48
N ASN A 89 -14.23 -9.79 14.41
CA ASN A 89 -15.17 -8.69 14.44
C ASN A 89 -14.56 -7.36 14.00
N ALA A 90 -13.45 -7.42 13.29
CA ALA A 90 -12.79 -6.19 12.85
C ALA A 90 -13.60 -5.57 11.73
N ILE A 91 -13.64 -4.26 11.69
CA ILE A 91 -14.38 -3.58 10.67
C ILE A 91 -13.44 -2.75 9.77
N ALA A 92 -12.15 -2.84 10.00
CA ALA A 92 -11.15 -2.22 9.13
C ALA A 92 -9.93 -3.13 9.22
N ALA A 93 -9.04 -3.13 8.21
CA ALA A 93 -7.86 -4.01 8.23
C ALA A 93 -6.98 -3.55 9.41
N PRO A 94 -6.55 -4.43 10.31
CA PRO A 94 -5.73 -3.96 11.43
C PRO A 94 -4.42 -3.43 10.90
N GLU A 95 -3.92 -2.34 11.46
CA GLU A 95 -2.74 -1.69 10.96
C GLU A 95 -1.58 -2.10 11.84
N LEU A 96 -0.55 -2.67 11.22
CA LEU A 96 0.64 -3.05 11.93
C LEU A 96 1.49 -1.84 12.27
N LEU A 97 1.89 -1.76 13.55
CA LEU A 97 2.59 -0.60 14.09
C LEU A 97 4.04 -0.87 14.50
N SER A 98 4.50 -2.09 14.36
CA SER A 98 5.83 -2.48 14.85
C SER A 98 6.51 -3.26 13.71
N ALA A 99 7.81 -3.54 13.84
CA ALA A 99 8.57 -4.30 12.84
C ALA A 99 8.06 -5.73 12.76
N ASP A 100 7.95 -6.27 11.55
CA ASP A 100 7.33 -7.58 11.37
C ASP A 100 8.36 -8.71 11.38
N ARG A 101 8.75 -9.12 12.60
CA ARG A 101 9.79 -10.08 12.80
C ARG A 101 9.40 -11.03 13.93
N VAL A 102 9.89 -12.27 13.86
CA VAL A 102 9.72 -13.25 14.95
C VAL A 102 11.09 -13.49 15.58
N VAL A 103 11.09 -14.10 16.77
CA VAL A 103 12.31 -14.50 17.45
C VAL A 103 12.25 -15.97 17.77
N VAL A 104 13.25 -16.69 17.29
CA VAL A 104 13.37 -18.13 17.39
C VAL A 104 14.42 -18.43 18.47
N SER A 105 14.05 -19.27 19.43
CA SER A 105 14.91 -19.70 20.53
C SER A 105 15.66 -20.96 20.18
N LYS A 106 16.67 -21.30 20.98
CA LYS A 106 17.50 -22.50 20.76
C LYS A 106 16.73 -23.80 20.74
N ASP A 107 15.60 -23.87 21.43
CA ASP A 107 14.82 -25.08 21.38
C ASP A 107 13.72 -25.09 20.28
N GLY A 108 13.70 -24.05 19.44
CA GLY A 108 12.78 -24.03 18.31
C GLY A 108 11.43 -23.43 18.66
N SER A 109 11.32 -22.85 19.86
CA SER A 109 10.11 -22.11 20.16
C SER A 109 10.20 -20.72 19.51
N VAL A 110 9.04 -20.16 19.14
CA VAL A 110 9.00 -18.92 18.36
C VAL A 110 8.08 -17.95 19.05
N ILE A 111 8.48 -16.68 19.10
CA ILE A 111 7.63 -15.64 19.65
C ILE A 111 7.42 -14.59 18.57
N TYR A 112 6.18 -14.14 18.46
CA TYR A 112 5.76 -13.10 17.55
C TYR A 112 4.81 -12.14 18.30
N VAL A 113 5.15 -10.84 18.29
CA VAL A 113 4.41 -9.84 19.04
C VAL A 113 4.15 -8.67 18.14
N PRO A 114 3.13 -8.77 17.30
CA PRO A 114 2.70 -7.62 16.52
C PRO A 114 1.95 -6.54 17.36
N SER A 115 2.32 -5.26 17.22
CA SER A 115 1.46 -4.21 17.73
C SER A 115 0.52 -3.75 16.62
N GLN A 116 -0.80 -3.81 16.84
CA GLN A 116 -1.77 -3.39 15.78
C GLN A 116 -2.85 -2.46 16.28
N ARG A 117 -3.24 -1.54 15.40
CA ARG A 117 -4.40 -0.68 15.64
C ARG A 117 -5.61 -1.36 15.00
N VAL A 118 -6.61 -1.70 15.83
CA VAL A 118 -7.77 -2.52 15.47
C VAL A 118 -9.08 -1.76 15.73
N ARG A 119 -9.98 -1.76 14.74
CA ARG A 119 -11.23 -1.06 14.81
C ARG A 119 -12.39 -2.04 14.78
N PHE A 120 -13.42 -1.76 15.58
CA PHE A 120 -14.57 -2.67 15.68
C PHE A 120 -15.77 -1.93 16.26
N THR A 121 -16.98 -2.48 16.12
CA THR A 121 -18.16 -1.80 16.64
C THR A 121 -18.45 -2.24 18.06
N CYS A 122 -19.04 -1.32 18.82
CA CYS A 122 -19.32 -1.51 20.21
C CYS A 122 -20.45 -0.54 20.50
N ASP A 123 -21.45 -0.99 21.26
CA ASP A 123 -22.47 -0.06 21.81
C ASP A 123 -21.90 0.85 22.89
N LEU A 124 -21.75 2.14 22.57
CA LEU A 124 -21.13 3.09 23.51
C LEU A 124 -22.14 3.96 24.28
N ILE A 125 -23.38 3.51 24.37
CA ILE A 125 -24.37 4.33 25.01
C ILE A 125 -23.96 4.62 26.46
N ASN A 126 -23.25 3.70 27.10
CA ASN A 126 -22.88 3.89 28.49
C ASN A 126 -21.43 4.30 28.73
N VAL A 127 -20.76 4.85 27.72
CA VAL A 127 -19.31 5.10 27.81
C VAL A 127 -19.01 6.21 28.78
N ASP A 128 -20.03 6.99 29.09
CA ASP A 128 -19.87 8.12 29.96
C ASP A 128 -20.52 7.96 31.34
N THR A 129 -20.63 6.71 31.80
CA THR A 129 -21.16 6.39 33.12
C THR A 129 -20.08 5.68 33.90
N GLU A 130 -20.28 5.50 35.21
CA GLU A 130 -19.26 4.89 36.09
C GLU A 130 -18.89 3.45 35.72
N PRO A 131 -19.85 2.61 35.33
CA PRO A 131 -19.52 1.26 34.89
C PRO A 131 -18.96 1.24 33.46
N GLY A 132 -19.29 2.26 32.66
CA GLY A 132 -18.67 2.43 31.33
C GLY A 132 -19.28 1.53 30.27
N ALA A 133 -18.61 1.43 29.14
CA ALA A 133 -19.05 0.53 28.07
C ALA A 133 -18.21 -0.74 28.01
N THR A 134 -18.84 -1.88 27.71
CA THR A 134 -18.18 -3.16 27.55
C THR A 134 -17.98 -3.52 26.08
N CYS A 135 -16.74 -3.82 25.72
CA CYS A 135 -16.39 -4.15 24.36
C CYS A 135 -15.72 -5.50 24.30
N ARG A 136 -15.89 -6.16 23.17
CA ARG A 136 -15.34 -7.49 22.95
C ARG A 136 -14.49 -7.53 21.67
N ILE A 137 -13.33 -8.18 21.74
CA ILE A 137 -12.52 -8.42 20.55
C ILE A 137 -12.32 -9.94 20.37
N LYS A 138 -12.66 -10.44 19.18
CA LYS A 138 -12.57 -11.87 18.87
C LYS A 138 -11.39 -12.15 17.95
N VAL A 139 -10.47 -13.01 18.42
CA VAL A 139 -9.27 -13.37 17.65
C VAL A 139 -9.18 -14.87 17.45
N GLY A 140 -8.91 -15.31 16.23
CA GLY A 140 -8.63 -16.73 16.01
C GLY A 140 -8.07 -16.96 14.63
N SER A 141 -7.68 -18.19 14.33
CA SER A 141 -7.19 -18.49 13.00
C SER A 141 -8.34 -18.43 12.03
N TRP A 142 -8.11 -17.77 10.90
CA TRP A 142 -9.12 -17.69 9.88
C TRP A 142 -9.36 -19.00 9.16
N THR A 143 -8.31 -19.79 8.96
CA THR A 143 -8.40 -20.94 8.07
C THR A 143 -7.86 -22.26 8.58
N HIS A 144 -7.38 -22.32 9.83
CA HIS A 144 -6.93 -23.58 10.45
C HIS A 144 -7.90 -23.99 11.57
N ASP A 145 -8.57 -25.11 11.40
CA ASP A 145 -9.54 -25.61 12.44
C ASP A 145 -8.76 -26.18 13.63
N ASN A 146 -9.45 -26.60 14.70
CA ASN A 146 -8.71 -26.94 15.91
C ASN A 146 -8.12 -28.34 15.90
N LYS A 147 -8.31 -29.06 14.81
CA LYS A 147 -7.55 -30.29 14.56
C LYS A 147 -6.13 -29.98 14.17
N GLN A 148 -5.87 -28.79 13.63
CA GLN A 148 -4.51 -28.37 13.22
C GLN A 148 -3.92 -27.29 14.12
N PHE A 149 -4.75 -26.37 14.59
CA PHE A 149 -4.33 -25.14 15.24
C PHE A 149 -5.11 -25.01 16.54
N ALA A 150 -4.50 -25.31 17.68
CA ALA A 150 -5.22 -25.16 18.95
C ALA A 150 -4.73 -23.95 19.71
N LEU A 151 -5.67 -23.09 20.13
CA LEU A 151 -5.35 -21.88 20.90
C LEU A 151 -5.34 -22.21 22.38
N ILE A 152 -4.39 -21.63 23.09
CA ILE A 152 -4.32 -21.76 24.54
C ILE A 152 -3.95 -20.39 25.10
N THR A 153 -4.37 -20.12 26.33
CA THR A 153 -3.92 -18.94 27.03
C THR A 153 -2.42 -19.05 27.35
N GLY A 154 -1.69 -18.00 27.01
CA GLY A 154 -0.26 -17.96 27.26
C GLY A 154 0.13 -17.76 28.71
N GLU A 155 1.44 -17.79 28.94
CA GLU A 155 2.06 -17.75 30.28
C GLU A 155 1.59 -16.67 31.26
N GLU A 156 1.14 -15.53 30.74
CA GLU A 156 0.72 -14.41 31.57
C GLU A 156 -0.67 -14.55 32.16
N GLY A 157 -1.34 -15.63 31.82
CA GLY A 157 -2.73 -15.87 32.21
C GLY A 157 -3.72 -14.95 31.52
N VAL A 158 -4.90 -14.86 32.11
CA VAL A 158 -6.03 -14.17 31.54
C VAL A 158 -6.11 -12.76 32.14
N VAL A 159 -5.16 -12.44 33.01
CA VAL A 159 -5.34 -11.37 33.98
C VAL A 159 -4.45 -10.14 33.79
N ASN A 160 -3.53 -10.17 32.83
CA ASN A 160 -2.64 -9.03 32.66
C ASN A 160 -2.70 -8.16 31.39
N ILE A 161 -3.86 -8.14 30.77
CA ILE A 161 -4.12 -7.35 29.55
C ILE A 161 -3.90 -5.85 29.75
N ALA A 162 -4.31 -5.33 30.91
CA ALA A 162 -4.24 -3.87 31.19
C ALA A 162 -2.90 -3.32 31.70
N GLU A 163 -1.91 -4.19 31.85
CA GLU A 163 -0.65 -3.83 32.47
C GLU A 163 -0.04 -2.52 31.94
N TYR A 164 0.00 -2.34 30.62
CA TYR A 164 0.67 -1.18 30.03
C TYR A 164 -0.29 -0.09 29.54
N PHE A 165 -1.57 -0.19 29.89
CA PHE A 165 -2.57 0.72 29.37
C PHE A 165 -2.29 2.18 29.82
N ASP A 166 -2.43 3.14 28.88
CA ASP A 166 -2.17 4.54 29.19
C ASP A 166 -3.00 5.36 28.22
N SER A 167 -3.93 6.17 28.74
CA SER A 167 -4.65 7.14 27.92
C SER A 167 -4.97 8.40 28.72
N PRO A 168 -4.82 9.60 28.15
CA PRO A 168 -5.32 10.81 28.78
C PRO A 168 -6.83 10.96 28.64
N LYS A 169 -7.44 10.16 27.76
CA LYS A 169 -8.86 10.28 27.43
C LYS A 169 -9.79 9.24 28.08
N PHE A 170 -9.29 8.03 28.34
CA PHE A 170 -10.15 6.95 28.85
C PHE A 170 -9.59 6.24 30.06
N ASP A 171 -10.47 5.76 30.94
CA ASP A 171 -10.10 4.88 32.06
C ASP A 171 -10.43 3.46 31.63
N LEU A 172 -9.46 2.55 31.67
CA LEU A 172 -9.77 1.16 31.46
C LEU A 172 -10.20 0.53 32.79
N LEU A 173 -11.42 0.06 32.87
CA LEU A 173 -11.95 -0.49 34.13
C LEU A 173 -11.53 -1.93 34.38
N SER A 174 -11.61 -2.79 33.37
CA SER A 174 -11.25 -4.21 33.49
C SER A 174 -11.00 -4.80 32.13
N ALA A 175 -10.35 -5.96 32.11
CA ALA A 175 -10.04 -6.65 30.87
C ALA A 175 -9.73 -8.08 31.20
N THR A 176 -10.38 -9.00 30.50
CA THR A 176 -10.03 -10.41 30.60
C THR A 176 -10.11 -11.03 29.22
N GLN A 177 -9.77 -12.31 29.14
CA GLN A 177 -9.96 -13.10 27.93
C GLN A 177 -10.54 -14.46 28.25
N SER A 178 -11.25 -15.01 27.27
CA SER A 178 -11.82 -16.31 27.40
C SER A 178 -11.57 -17.11 26.11
N LEU A 179 -11.30 -18.39 26.27
CA LEU A 179 -11.05 -19.28 25.13
C LEU A 179 -12.35 -20.00 24.79
N ASN A 180 -12.72 -19.99 23.51
CA ASN A 180 -13.97 -20.63 23.07
C ASN A 180 -13.71 -21.43 21.81
N ARG A 181 -14.66 -22.29 21.45
CA ARG A 181 -14.66 -22.90 20.12
C ARG A 181 -16.04 -22.91 19.49
N LYS A 182 -16.07 -22.72 18.17
CA LYS A 182 -17.31 -22.54 17.41
C LYS A 182 -17.39 -23.47 16.19
N LYS A 183 -18.60 -23.91 15.88
CA LYS A 183 -18.87 -24.62 14.62
C LYS A 183 -19.16 -23.60 13.52
N TYR A 184 -18.38 -23.64 12.44
CA TYR A 184 -18.69 -22.80 11.28
C TYR A 184 -19.27 -23.60 10.12
N SER A 185 -20.01 -22.86 9.29
CA SER A 185 -20.71 -23.37 8.12
C SER A 185 -19.81 -24.08 7.11
N CYS A 186 -18.67 -23.48 6.81
CA CYS A 186 -17.72 -24.01 5.83
C CYS A 186 -17.23 -25.44 6.10
N CYS A 187 -17.10 -25.80 7.38
CA CYS A 187 -16.21 -26.89 7.76
C CYS A 187 -16.78 -27.84 8.81
N GLU A 188 -16.25 -29.06 8.84
CA GLU A 188 -16.73 -30.06 9.76
C GLU A 188 -16.20 -29.81 11.18
N ASN A 189 -14.91 -29.47 11.28
CA ASN A 189 -14.28 -29.21 12.58
C ASN A 189 -14.56 -27.80 13.13
N MET A 190 -14.41 -27.65 14.45
CA MET A 190 -14.56 -26.36 15.07
C MET A 190 -13.27 -25.53 14.97
N TYR A 191 -13.42 -24.22 15.14
CA TYR A 191 -12.32 -23.28 15.20
C TYR A 191 -12.21 -22.74 16.61
N ASP A 192 -11.00 -22.63 17.14
CA ASP A 192 -10.77 -21.93 18.40
C ASP A 192 -10.74 -20.42 18.24
N ASP A 193 -11.27 -19.71 19.23
CA ASP A 193 -11.01 -18.29 19.32
C ASP A 193 -10.74 -17.87 20.74
N ILE A 194 -10.02 -16.78 20.90
CA ILE A 194 -9.95 -16.14 22.21
C ILE A 194 -10.70 -14.83 22.10
N GLU A 195 -11.54 -14.57 23.10
CA GLU A 195 -12.33 -13.37 23.12
C GLU A 195 -11.85 -12.45 24.24
N ILE A 196 -11.42 -11.25 23.87
CA ILE A 196 -11.08 -10.24 24.86
C ILE A 196 -12.31 -9.40 25.20
N THR A 197 -12.59 -9.27 26.49
CA THR A 197 -13.68 -8.43 26.97
C THR A 197 -13.08 -7.35 27.87
N PHE A 198 -13.39 -6.09 27.58
CA PHE A 198 -12.93 -5.01 28.41
C PHE A 198 -14.04 -4.00 28.65
N ALA A 199 -13.95 -3.29 29.77
CA ALA A 199 -14.83 -2.19 30.08
C ALA A 199 -14.00 -0.93 30.20
N PHE A 200 -14.50 0.15 29.63
CA PHE A 200 -13.82 1.43 29.71
C PHE A 200 -14.82 2.59 29.78
N ARG A 201 -14.37 3.75 30.23
CA ARG A 201 -15.24 4.91 30.29
C ARG A 201 -14.45 6.18 29.92
N LYS A 202 -15.14 7.28 29.59
CA LYS A 202 -14.46 8.57 29.37
C LYS A 202 -13.94 9.13 30.72
N LYS A 203 -12.82 9.86 30.71
CA LYS A 203 -12.31 10.48 31.95
C LYS A 203 -13.13 11.70 32.33
N GLN B 1 4.82 -32.27 4.22
CA GLN B 1 3.45 -32.59 4.76
C GLN B 1 2.37 -32.64 3.65
N ILE B 2 2.72 -32.16 2.45
CA ILE B 2 1.89 -32.31 1.25
C ILE B 2 2.75 -32.79 0.04
N ARG B 3 2.11 -33.18 -1.07
CA ARG B 3 2.87 -33.44 -2.28
C ARG B 3 3.38 -32.11 -2.86
N TRP B 4 4.50 -31.63 -2.31
CA TRP B 4 5.06 -30.31 -2.64
C TRP B 4 5.32 -30.04 -4.11
N THR B 5 5.75 -31.09 -4.82
CA THR B 5 6.04 -30.99 -6.25
C THR B 5 4.79 -30.75 -7.09
N LEU B 6 3.64 -31.26 -6.62
CA LEU B 6 2.36 -31.01 -7.28
C LEU B 6 2.04 -29.52 -7.15
N LEU B 7 2.23 -29.01 -5.94
CA LEU B 7 2.01 -27.60 -5.65
C LEU B 7 2.78 -26.70 -6.62
N ASN B 8 3.90 -27.17 -7.14
CA ASN B 8 4.60 -26.41 -8.18
C ASN B 8 3.89 -26.43 -9.53
N GLN B 9 3.13 -27.48 -9.85
CA GLN B 9 2.29 -27.41 -11.06
C GLN B 9 1.12 -26.45 -10.83
N ILE B 10 0.52 -26.58 -9.66
CA ILE B 10 -0.62 -25.78 -9.24
C ILE B 10 -0.32 -24.28 -9.30
N THR B 11 0.80 -23.85 -8.74
CA THR B 11 1.21 -22.45 -8.80
C THR B 11 1.68 -22.06 -10.23
N GLY B 12 2.33 -22.99 -10.91
CA GLY B 12 2.70 -22.80 -12.31
C GLY B 12 1.52 -22.51 -13.23
N GLU B 13 0.37 -23.11 -12.92
CA GLU B 13 -0.85 -22.90 -13.72
C GLU B 13 -1.77 -21.81 -13.17
N SER B 14 -1.34 -21.13 -12.12
CA SER B 14 -2.25 -20.25 -11.39
C SER B 14 -2.73 -19.02 -12.15
N ASP B 15 -2.08 -18.67 -13.24
CA ASP B 15 -2.52 -17.51 -14.02
C ASP B 15 -3.88 -17.75 -14.66
N VAL B 16 -4.19 -19.03 -14.90
CA VAL B 16 -5.31 -19.43 -15.73
C VAL B 16 -6.35 -20.23 -14.95
N ILE B 17 -7.62 -19.95 -15.20
CA ILE B 17 -8.72 -20.74 -14.61
C ILE B 17 -8.54 -22.25 -14.89
N PRO B 18 -8.70 -23.09 -13.85
CA PRO B 18 -8.50 -24.53 -14.00
C PRO B 18 -9.75 -25.20 -14.52
N LEU B 19 -9.80 -25.42 -15.82
CA LEU B 19 -10.95 -26.06 -16.45
C LEU B 19 -10.63 -27.52 -16.75
N SER B 20 -11.63 -28.39 -16.63
CA SER B 20 -11.49 -29.78 -17.11
C SER B 20 -12.31 -29.98 -18.39
N ASN B 21 -11.60 -30.35 -19.46
CA ASN B 21 -12.18 -30.45 -20.80
C ASN B 21 -12.58 -29.07 -21.29
N ASN B 22 -13.86 -28.89 -21.61
CA ASN B 22 -14.41 -27.60 -22.06
C ASN B 22 -15.26 -26.92 -20.97
N THR B 23 -16.03 -27.75 -20.26
CA THR B 23 -16.93 -27.39 -19.16
C THR B 23 -16.54 -26.14 -18.36
N PRO B 24 -17.49 -25.20 -18.19
CA PRO B 24 -17.36 -24.10 -17.22
C PRO B 24 -17.06 -24.59 -15.80
N LEU B 25 -16.19 -23.86 -15.09
CA LEU B 25 -15.98 -24.13 -13.69
C LEU B 25 -17.16 -23.58 -12.89
N ASN B 26 -17.78 -24.43 -12.07
CA ASN B 26 -18.84 -23.96 -11.20
C ASN B 26 -18.20 -23.32 -9.99
N VAL B 27 -18.50 -22.05 -9.76
CA VAL B 27 -18.03 -21.37 -8.58
C VAL B 27 -19.23 -21.03 -7.73
N SER B 28 -19.29 -21.64 -6.57
CA SER B 28 -20.39 -21.42 -5.69
C SER B 28 -20.14 -20.20 -4.81
N LEU B 29 -21.08 -19.24 -4.80
CA LEU B 29 -20.96 -18.05 -3.97
C LEU B 29 -22.13 -17.89 -3.04
N ASN B 30 -21.83 -17.66 -1.78
CA ASN B 30 -22.83 -17.30 -0.80
C ASN B 30 -22.37 -16.09 0.00
N PHE B 31 -23.28 -15.29 0.50
CA PHE B 31 -22.90 -14.07 1.20
C PHE B 31 -23.45 -13.99 2.59
N LYS B 32 -22.67 -13.40 3.49
CA LYS B 32 -23.16 -13.00 4.79
C LYS B 32 -22.86 -11.52 5.02
N LEU B 33 -23.93 -10.73 5.12
CA LEU B 33 -23.84 -9.36 5.54
C LEU B 33 -23.64 -9.35 7.05
N MET B 34 -22.49 -8.86 7.50
CA MET B 34 -22.12 -8.90 8.92
C MET B 34 -22.45 -7.62 9.68
N ASN B 35 -22.34 -6.48 9.01
CA ASN B 35 -22.44 -5.21 9.68
C ASN B 35 -22.51 -4.11 8.60
N ILE B 36 -23.11 -2.96 8.95
CA ILE B 36 -23.12 -1.73 8.16
C ILE B 36 -22.37 -0.72 8.99
N VAL B 37 -21.30 -0.17 8.43
CA VAL B 37 -20.40 0.63 9.26
C VAL B 37 -20.28 2.11 8.88
N GLU B 38 -20.89 2.49 7.75
CA GLU B 38 -21.08 3.89 7.44
C GLU B 38 -22.38 3.96 6.72
N ALA B 39 -23.17 4.97 7.05
CA ALA B 39 -24.37 5.33 6.30
C ALA B 39 -24.35 6.84 6.25
N ASP B 40 -23.63 7.35 5.27
CA ASP B 40 -23.41 8.80 5.17
C ASP B 40 -24.51 9.47 4.36
N THR B 41 -25.44 10.12 5.05
CA THR B 41 -26.64 10.61 4.37
C THR B 41 -26.36 11.87 3.56
N GLU B 42 -25.20 12.49 3.74
CA GLU B 42 -24.84 13.67 2.95
C GLU B 42 -24.22 13.26 1.63
N LYS B 43 -23.37 12.24 1.65
CA LYS B 43 -22.68 11.78 0.43
C LYS B 43 -23.53 10.73 -0.26
N ASP B 44 -24.47 10.13 0.48
CA ASP B 44 -25.22 8.97 0.03
C ASP B 44 -24.33 7.79 -0.27
N GLN B 45 -23.56 7.37 0.73
CA GLN B 45 -22.60 6.30 0.57
C GLN B 45 -22.74 5.41 1.81
N VAL B 46 -22.60 4.11 1.57
CA VAL B 46 -22.72 3.08 2.61
C VAL B 46 -21.46 2.21 2.62
N GLU B 47 -21.07 1.73 3.81
CA GLU B 47 -20.01 0.76 3.93
C GLU B 47 -20.53 -0.40 4.74
N VAL B 48 -20.25 -1.60 4.26
CA VAL B 48 -20.71 -2.83 4.86
C VAL B 48 -19.49 -3.74 5.12
N VAL B 49 -19.64 -4.67 6.04
CA VAL B 49 -18.73 -5.78 6.15
C VAL B 49 -19.48 -6.99 5.62
N LEU B 50 -18.86 -7.67 4.66
CA LEU B 50 -19.48 -8.73 3.89
C LEU B 50 -18.51 -9.90 3.89
N TRP B 51 -19.00 -11.11 4.17
CA TRP B 51 -18.22 -12.31 3.98
C TRP B 51 -18.72 -12.94 2.71
N THR B 52 -17.82 -13.17 1.76
CA THR B 52 -18.09 -13.90 0.53
C THR B 52 -17.57 -15.30 0.73
N GLN B 53 -18.47 -16.28 0.66
CA GLN B 53 -18.08 -17.65 0.83
C GLN B 53 -18.06 -18.27 -0.57
N ALA B 54 -16.87 -18.56 -1.05
CA ALA B 54 -16.67 -19.06 -2.40
C ALA B 54 -16.14 -20.48 -2.32
N SER B 55 -16.54 -21.36 -3.24
CA SER B 55 -15.93 -22.68 -3.33
C SER B 55 -15.98 -23.20 -4.73
N TRP B 56 -15.00 -24.02 -5.10
CA TRP B 56 -15.00 -24.60 -6.42
C TRP B 56 -14.21 -25.90 -6.25
N LYS B 57 -14.13 -26.71 -7.30
CA LYS B 57 -13.42 -27.97 -7.18
C LYS B 57 -12.48 -28.19 -8.36
N VAL B 58 -11.25 -28.63 -8.06
CA VAL B 58 -10.30 -28.97 -9.11
C VAL B 58 -9.84 -30.36 -8.76
N PRO B 59 -10.38 -31.37 -9.45
CA PRO B 59 -10.08 -32.78 -9.10
C PRO B 59 -8.59 -33.14 -8.99
N TYR B 60 -7.74 -32.56 -9.84
CA TYR B 60 -6.31 -32.89 -9.76
C TYR B 60 -5.58 -32.36 -8.53
N TYR B 61 -6.20 -31.46 -7.78
CA TYR B 61 -5.67 -31.06 -6.49
C TYR B 61 -5.81 -32.18 -5.45
N SER B 62 -6.62 -33.20 -5.72
CA SER B 62 -6.82 -34.28 -4.70
C SER B 62 -5.50 -35.02 -4.36
N SER B 63 -4.55 -35.00 -5.29
CA SER B 63 -3.24 -35.62 -5.06
C SER B 63 -2.36 -34.91 -4.08
N LEU B 64 -2.78 -33.71 -3.67
CA LEU B 64 -1.98 -32.89 -2.77
C LEU B 64 -1.89 -33.49 -1.37
N LEU B 65 -2.97 -34.12 -0.93
CA LEU B 65 -3.07 -34.67 0.42
C LEU B 65 -3.24 -36.19 0.47
N SER B 66 -3.35 -36.82 -0.70
CA SER B 66 -3.52 -38.29 -0.78
C SER B 66 -2.62 -39.11 0.15
N SER B 67 -1.37 -38.68 0.31
CA SER B 67 -0.41 -39.36 1.17
C SER B 67 -0.20 -38.70 2.53
N SER B 68 -1.06 -37.74 2.86
CA SER B 68 -0.94 -36.92 4.06
C SER B 68 -1.97 -37.31 5.12
N SER B 69 -1.62 -37.13 6.40
CA SER B 69 -2.57 -37.36 7.48
C SER B 69 -3.49 -36.13 7.69
N LEU B 70 -3.20 -35.03 6.98
CA LEU B 70 -4.07 -33.86 6.95
C LEU B 70 -5.36 -34.18 6.24
N ASP B 71 -6.48 -33.67 6.74
CA ASP B 71 -7.78 -33.78 6.06
C ASP B 71 -7.97 -32.66 5.05
N GLN B 72 -7.31 -31.54 5.32
CA GLN B 72 -7.42 -30.37 4.47
C GLN B 72 -6.16 -29.57 4.73
N VAL B 73 -5.85 -28.64 3.83
CA VAL B 73 -4.67 -27.82 3.99
C VAL B 73 -4.98 -26.38 3.60
N SER B 74 -4.62 -25.46 4.48
CA SER B 74 -4.73 -24.03 4.23
C SER B 74 -3.47 -23.50 3.56
N LEU B 75 -3.64 -22.70 2.51
CA LEU B 75 -2.53 -22.25 1.67
C LEU B 75 -2.72 -20.78 1.27
N PRO B 76 -1.65 -20.03 1.10
CA PRO B 76 -1.80 -18.66 0.66
C PRO B 76 -2.51 -18.63 -0.68
N VAL B 77 -3.37 -17.64 -0.85
CA VAL B 77 -4.08 -17.37 -2.09
C VAL B 77 -3.14 -17.27 -3.34
N SER B 78 -1.92 -16.77 -3.13
CA SER B 78 -0.96 -16.60 -4.23
C SER B 78 -0.50 -17.92 -4.84
N LYS B 79 -0.78 -19.03 -4.17
CA LYS B 79 -0.26 -20.31 -4.60
C LYS B 79 -1.10 -21.03 -5.65
N MET B 80 -2.29 -20.51 -5.92
CA MET B 80 -3.16 -21.15 -6.90
C MET B 80 -4.11 -20.14 -7.51
N TRP B 81 -4.78 -20.53 -8.58
CA TRP B 81 -5.88 -19.73 -9.10
C TRP B 81 -7.01 -19.57 -8.09
N THR B 82 -7.51 -18.33 -7.97
CA THR B 82 -8.71 -17.98 -7.22
C THR B 82 -9.57 -17.02 -8.05
N PRO B 83 -10.89 -17.02 -7.81
CA PRO B 83 -11.79 -16.18 -8.61
C PRO B 83 -11.45 -14.70 -8.57
N ASP B 84 -11.55 -14.04 -9.72
CA ASP B 84 -11.33 -12.60 -9.83
C ASP B 84 -12.66 -11.84 -9.61
N LEU B 85 -13.24 -12.03 -8.42
CA LEU B 85 -14.47 -11.36 -8.08
C LEU B 85 -14.27 -9.87 -7.92
N SER B 86 -15.20 -9.11 -8.48
CA SER B 86 -15.18 -7.69 -8.33
C SER B 86 -16.58 -7.29 -7.97
N PHE B 87 -16.66 -6.24 -7.18
CA PHE B 87 -17.90 -5.53 -6.87
C PHE B 87 -18.11 -4.49 -7.98
N TYR B 88 -19.08 -4.72 -8.87
CA TYR B 88 -19.32 -3.89 -10.04
C TYR B 88 -19.73 -2.51 -9.66
N ASN B 89 -20.27 -2.34 -8.45
CA ASN B 89 -20.73 -1.03 -8.05
C ASN B 89 -19.99 -0.43 -6.84
N ALA B 90 -18.82 -0.98 -6.53
CA ALA B 90 -17.89 -0.39 -5.55
C ALA B 90 -17.40 0.97 -5.98
N ILE B 91 -17.22 1.87 -5.02
CA ILE B 91 -16.71 3.20 -5.36
C ILE B 91 -15.34 3.47 -4.69
N ALA B 92 -14.90 2.50 -3.90
CA ALA B 92 -13.55 2.45 -3.33
C ALA B 92 -13.11 0.98 -3.41
N ALA B 93 -11.82 0.73 -3.43
CA ALA B 93 -11.33 -0.61 -3.56
C ALA B 93 -11.73 -1.34 -2.25
N PRO B 94 -12.28 -2.53 -2.34
CA PRO B 94 -12.63 -3.27 -1.10
C PRO B 94 -11.40 -3.60 -0.27
N GLU B 95 -11.55 -3.57 1.06
CA GLU B 95 -10.47 -3.72 2.01
C GLU B 95 -10.64 -5.09 2.62
N LEU B 96 -9.62 -5.94 2.46
CA LEU B 96 -9.64 -7.29 2.98
C LEU B 96 -9.43 -7.25 4.50
N LEU B 97 -10.29 -7.96 5.23
CA LEU B 97 -10.22 -7.93 6.70
C LEU B 97 -9.76 -9.24 7.29
N SER B 98 -9.59 -10.25 6.44
CA SER B 98 -9.22 -11.59 6.88
C SER B 98 -7.92 -12.08 6.25
N ALA B 99 -7.40 -13.19 6.74
CA ALA B 99 -6.18 -13.80 6.19
C ALA B 99 -6.38 -14.24 4.73
N ASP B 100 -5.45 -13.89 3.85
CA ASP B 100 -5.58 -14.22 2.42
C ASP B 100 -5.15 -15.70 2.18
N ARG B 101 -5.97 -16.63 2.66
CA ARG B 101 -5.69 -18.06 2.53
C ARG B 101 -6.93 -18.85 2.12
N VAL B 102 -6.71 -19.94 1.40
CA VAL B 102 -7.75 -20.83 0.92
C VAL B 102 -7.52 -22.17 1.61
N VAL B 103 -8.58 -22.95 1.79
CA VAL B 103 -8.44 -24.31 2.25
C VAL B 103 -8.75 -25.31 1.14
N VAL B 104 -7.82 -26.25 0.89
CA VAL B 104 -8.04 -27.36 -0.05
C VAL B 104 -8.37 -28.63 0.73
N SER B 105 -9.42 -29.35 0.31
CA SER B 105 -9.81 -30.62 0.95
C SER B 105 -9.27 -31.81 0.18
N LYS B 106 -9.43 -33.01 0.73
CA LYS B 106 -8.85 -34.21 0.11
C LYS B 106 -9.38 -34.50 -1.28
N ASP B 107 -10.59 -34.05 -1.59
CA ASP B 107 -11.12 -34.29 -2.93
C ASP B 107 -10.84 -33.16 -3.91
N GLY B 108 -10.08 -32.14 -3.52
CA GLY B 108 -9.74 -31.08 -4.45
C GLY B 108 -10.72 -29.92 -4.44
N SER B 109 -11.70 -29.95 -3.53
CA SER B 109 -12.57 -28.80 -3.35
C SER B 109 -11.85 -27.68 -2.57
N VAL B 110 -12.00 -26.45 -3.06
CA VAL B 110 -11.34 -25.30 -2.50
C VAL B 110 -12.38 -24.36 -1.89
N ILE B 111 -12.09 -23.85 -0.69
CA ILE B 111 -12.96 -22.92 0.04
C ILE B 111 -12.17 -21.65 0.32
N TYR B 112 -12.83 -20.52 0.14
CA TYR B 112 -12.19 -19.24 0.19
C TYR B 112 -13.21 -18.26 0.71
N VAL B 113 -12.93 -17.60 1.83
CA VAL B 113 -13.93 -16.72 2.42
C VAL B 113 -13.32 -15.39 2.78
N PRO B 114 -13.13 -14.48 1.83
CA PRO B 114 -12.66 -13.16 2.18
C PRO B 114 -13.74 -12.38 2.94
N SER B 115 -13.36 -11.75 4.05
CA SER B 115 -14.23 -10.80 4.69
C SER B 115 -13.74 -9.43 4.25
N GLN B 116 -14.62 -8.58 3.72
CA GLN B 116 -14.20 -7.27 3.15
C GLN B 116 -15.09 -6.13 3.60
N ARG B 117 -14.49 -4.94 3.69
CA ARG B 117 -15.25 -3.73 3.93
C ARG B 117 -15.45 -3.12 2.55
N VAL B 118 -16.70 -2.88 2.14
CA VAL B 118 -16.96 -2.45 0.72
C VAL B 118 -17.78 -1.15 0.73
N ARG B 119 -17.37 -0.15 -0.09
CA ARG B 119 -18.13 1.09 -0.14
C ARG B 119 -18.87 1.20 -1.47
N PHE B 120 -20.11 1.71 -1.42
CA PHE B 120 -20.88 1.98 -2.64
C PHE B 120 -21.86 3.09 -2.39
N THR B 121 -22.39 3.68 -3.46
CA THR B 121 -23.43 4.70 -3.30
C THR B 121 -24.82 4.08 -3.13
N CYS B 122 -25.65 4.73 -2.32
CA CYS B 122 -26.98 4.22 -1.98
C CYS B 122 -27.75 5.43 -1.55
N ASP B 123 -28.97 5.61 -2.03
CA ASP B 123 -29.82 6.73 -1.61
C ASP B 123 -30.35 6.53 -0.19
N LEU B 124 -29.85 7.36 0.73
CA LEU B 124 -30.10 7.17 2.15
C LEU B 124 -31.18 8.09 2.70
N ILE B 125 -31.95 8.68 1.81
CA ILE B 125 -32.98 9.62 2.21
C ILE B 125 -34.00 9.03 3.19
N ASN B 126 -34.32 7.74 3.08
CA ASN B 126 -35.29 7.12 4.00
C ASN B 126 -34.69 6.26 5.11
N VAL B 127 -33.42 6.47 5.39
CA VAL B 127 -32.72 5.56 6.28
C VAL B 127 -33.24 5.68 7.72
N ASP B 128 -33.86 6.81 8.05
CA ASP B 128 -34.40 7.02 9.37
C ASP B 128 -35.92 6.89 9.42
N THR B 129 -36.48 5.91 8.69
CA THR B 129 -37.91 5.71 8.59
C THR B 129 -38.11 4.25 8.86
N GLU B 130 -39.33 3.86 9.17
CA GLU B 130 -39.61 2.45 9.42
C GLU B 130 -39.27 1.48 8.25
N PRO B 131 -39.56 1.80 6.98
CA PRO B 131 -39.18 0.91 5.89
C PRO B 131 -37.67 0.93 5.60
N GLY B 132 -37.01 2.01 5.98
CA GLY B 132 -35.57 2.14 5.83
C GLY B 132 -35.13 2.40 4.40
N ALA B 133 -33.81 2.35 4.18
CA ALA B 133 -33.22 2.58 2.90
C ALA B 133 -32.85 1.24 2.30
N THR B 134 -32.99 1.12 0.97
CA THR B 134 -32.73 -0.16 0.27
C THR B 134 -31.50 0.02 -0.61
N CYS B 135 -30.57 -0.92 -0.52
CA CYS B 135 -29.30 -0.85 -1.20
C CYS B 135 -29.02 -2.14 -1.95
N ARG B 136 -28.12 -2.08 -2.93
CA ARG B 136 -27.78 -3.26 -3.72
C ARG B 136 -26.25 -3.37 -3.85
N ILE B 137 -25.75 -4.60 -3.93
CA ILE B 137 -24.32 -4.87 -4.12
C ILE B 137 -24.22 -5.90 -5.22
N LYS B 138 -23.48 -5.59 -6.29
CA LYS B 138 -23.32 -6.54 -7.39
C LYS B 138 -21.90 -7.10 -7.46
N VAL B 139 -21.80 -8.42 -7.53
CA VAL B 139 -20.53 -9.19 -7.51
C VAL B 139 -20.49 -10.21 -8.65
N GLY B 140 -19.35 -10.28 -9.35
CA GLY B 140 -19.16 -11.23 -10.44
C GLY B 140 -17.71 -11.28 -10.81
N SER B 141 -17.33 -12.27 -11.61
CA SER B 141 -16.02 -12.28 -12.20
C SER B 141 -15.84 -11.03 -13.08
N TRP B 142 -14.70 -10.34 -12.96
CA TRP B 142 -14.44 -9.22 -13.84
C TRP B 142 -14.13 -9.73 -15.22
N THR B 143 -13.34 -10.80 -15.32
CA THR B 143 -12.81 -11.17 -16.65
C THR B 143 -13.09 -12.57 -17.18
N HIS B 144 -13.76 -13.43 -16.41
CA HIS B 144 -14.03 -14.79 -16.89
C HIS B 144 -15.50 -14.87 -17.26
N ASP B 145 -15.79 -15.11 -18.53
CA ASP B 145 -17.17 -15.19 -18.99
C ASP B 145 -17.81 -16.53 -18.63
N ASN B 146 -19.08 -16.70 -18.91
CA ASN B 146 -19.75 -17.86 -18.31
C ASN B 146 -19.56 -19.20 -18.99
N LYS B 147 -18.92 -19.19 -20.15
CA LYS B 147 -18.35 -20.39 -20.73
C LYS B 147 -17.22 -21.00 -19.89
N GLN B 148 -16.59 -20.18 -19.05
CA GLN B 148 -15.47 -20.64 -18.22
C GLN B 148 -15.79 -20.64 -16.74
N PHE B 149 -16.62 -19.70 -16.31
CA PHE B 149 -16.82 -19.38 -14.91
C PHE B 149 -18.32 -19.22 -14.73
N ALA B 150 -18.96 -20.20 -14.08
CA ALA B 150 -20.41 -20.15 -13.89
C ALA B 150 -20.75 -20.06 -12.40
N LEU B 151 -21.52 -19.04 -12.05
CA LEU B 151 -21.93 -18.84 -10.68
C LEU B 151 -23.07 -19.76 -10.30
N ILE B 152 -22.91 -20.40 -9.16
CA ILE B 152 -23.99 -21.14 -8.56
C ILE B 152 -24.10 -20.63 -7.14
N THR B 153 -25.22 -20.91 -6.50
CA THR B 153 -25.44 -20.39 -5.17
C THR B 153 -26.24 -21.38 -4.32
N GLY B 154 -26.47 -21.05 -3.06
CA GLY B 154 -27.16 -21.97 -2.16
C GLY B 154 -28.60 -22.19 -2.59
N GLU B 155 -29.21 -23.26 -2.09
CA GLU B 155 -30.62 -23.57 -2.37
C GLU B 155 -31.51 -22.57 -1.67
N GLU B 156 -32.71 -22.39 -2.20
CA GLU B 156 -33.73 -21.55 -1.55
C GLU B 156 -33.87 -21.95 -0.08
N GLY B 157 -33.55 -23.20 0.24
CA GLY B 157 -33.31 -23.63 1.62
C GLY B 157 -32.21 -22.86 2.37
N VAL B 158 -30.95 -23.02 1.93
CA VAL B 158 -29.79 -22.57 2.72
C VAL B 158 -29.43 -21.04 2.68
N VAL B 159 -29.95 -20.26 1.72
CA VAL B 159 -29.58 -18.82 1.64
C VAL B 159 -30.14 -17.99 2.81
N ASN B 160 -29.25 -17.40 3.61
CA ASN B 160 -29.63 -16.56 4.74
C ASN B 160 -28.60 -15.44 4.87
N ILE B 161 -28.76 -14.37 4.09
CA ILE B 161 -27.69 -13.36 4.00
C ILE B 161 -27.55 -12.56 5.29
N ALA B 162 -28.68 -12.39 6.00
CA ALA B 162 -28.73 -11.61 7.25
C ALA B 162 -28.38 -12.44 8.49
N GLU B 163 -28.08 -13.71 8.30
CA GLU B 163 -27.93 -14.65 9.43
C GLU B 163 -27.07 -14.18 10.61
N TYR B 164 -25.93 -13.55 10.33
CA TYR B 164 -25.00 -13.16 11.39
C TYR B 164 -24.89 -11.65 11.63
N PHE B 165 -25.77 -10.88 11.00
CA PHE B 165 -25.70 -9.43 11.08
C PHE B 165 -25.83 -8.98 12.50
N ASP B 166 -25.03 -8.00 12.87
CA ASP B 166 -25.11 -7.45 14.19
C ASP B 166 -24.57 -6.05 14.19
N SER B 167 -25.44 -5.11 14.54
CA SER B 167 -25.04 -3.72 14.65
C SER B 167 -25.79 -3.07 15.78
N PRO B 168 -25.10 -2.28 16.60
CA PRO B 168 -25.74 -1.45 17.60
C PRO B 168 -26.43 -0.18 17.02
N LYS B 169 -26.11 0.21 15.78
CA LYS B 169 -26.65 1.44 15.19
C LYS B 169 -27.77 1.21 14.19
N PHE B 170 -27.70 0.13 13.43
CA PHE B 170 -28.67 -0.10 12.36
C PHE B 170 -29.45 -1.42 12.53
N ASP B 171 -30.69 -1.46 12.04
CA ASP B 171 -31.50 -2.69 11.93
C ASP B 171 -31.47 -3.19 10.48
N LEU B 172 -31.13 -4.47 10.28
CA LEU B 172 -31.17 -5.05 8.94
C LEU B 172 -32.55 -5.63 8.74
N LEU B 173 -33.29 -5.11 7.75
CA LEU B 173 -34.72 -5.38 7.67
C LEU B 173 -35.02 -6.57 6.79
N SER B 174 -34.21 -6.74 5.75
CA SER B 174 -34.41 -7.83 4.79
C SER B 174 -33.16 -7.88 3.93
N ALA B 175 -32.89 -9.06 3.33
CA ALA B 175 -31.75 -9.22 2.45
C ALA B 175 -31.96 -10.39 1.52
N THR B 176 -31.97 -10.14 0.21
CA THR B 176 -32.22 -11.22 -0.78
C THR B 176 -31.17 -11.11 -1.88
N GLN B 177 -31.11 -12.09 -2.77
CA GLN B 177 -30.12 -12.05 -3.86
C GLN B 177 -30.74 -12.57 -5.12
N SER B 178 -30.30 -12.02 -6.26
CA SER B 178 -30.65 -12.55 -7.56
C SER B 178 -29.36 -13.09 -8.19
N LEU B 179 -29.50 -14.07 -9.08
CA LEU B 179 -28.39 -14.58 -9.86
C LEU B 179 -28.71 -14.23 -11.31
N ASN B 180 -27.77 -13.54 -11.93
CA ASN B 180 -28.01 -12.90 -13.19
C ASN B 180 -26.96 -13.34 -14.19
N ARG B 181 -27.27 -13.18 -15.46
CA ARG B 181 -26.39 -13.56 -16.55
C ARG B 181 -26.62 -12.53 -17.65
N LYS B 182 -25.62 -11.68 -17.94
CA LYS B 182 -25.83 -10.52 -18.82
C LYS B 182 -24.74 -10.39 -19.89
N LYS B 183 -25.13 -9.89 -21.06
CA LYS B 183 -24.17 -9.59 -22.13
C LYS B 183 -23.72 -8.13 -21.99
N TYR B 184 -22.42 -7.88 -22.12
CA TYR B 184 -21.84 -6.53 -22.07
C TYR B 184 -21.19 -6.20 -23.42
N SER B 185 -20.78 -4.96 -23.62
CA SER B 185 -20.25 -4.52 -24.93
C SER B 185 -18.95 -5.21 -25.38
N CYS B 186 -18.11 -5.57 -24.41
CA CYS B 186 -16.76 -6.06 -24.66
C CYS B 186 -16.66 -7.41 -25.35
N CYS B 187 -17.66 -8.27 -25.14
CA CYS B 187 -17.39 -9.71 -25.32
C CYS B 187 -18.49 -10.56 -25.87
N GLU B 188 -18.05 -11.52 -26.69
CA GLU B 188 -18.91 -12.55 -27.23
C GLU B 188 -19.93 -13.01 -26.20
N ASN B 189 -19.42 -13.47 -25.06
CA ASN B 189 -20.23 -14.24 -24.13
C ASN B 189 -20.72 -13.42 -22.95
N MET B 190 -21.59 -14.03 -22.15
CA MET B 190 -22.22 -13.35 -21.03
C MET B 190 -21.42 -13.56 -19.75
N TYR B 191 -21.67 -12.71 -18.76
CA TYR B 191 -21.02 -12.80 -17.48
C TYR B 191 -22.08 -12.99 -16.40
N ASP B 192 -21.83 -13.93 -15.49
CA ASP B 192 -22.69 -14.13 -14.32
C ASP B 192 -22.38 -13.13 -13.20
N ASP B 193 -23.42 -12.71 -12.50
CA ASP B 193 -23.22 -11.89 -11.32
C ASP B 193 -24.31 -12.23 -10.32
N ILE B 194 -24.03 -12.10 -9.03
CA ILE B 194 -25.06 -12.13 -8.03
C ILE B 194 -25.26 -10.71 -7.52
N GLU B 195 -26.50 -10.30 -7.37
CA GLU B 195 -26.76 -9.00 -6.77
C GLU B 195 -27.58 -9.11 -5.51
N ILE B 196 -27.05 -8.58 -4.42
CA ILE B 196 -27.76 -8.54 -3.14
C ILE B 196 -28.57 -7.26 -3.00
N THR B 197 -29.85 -7.37 -2.62
CA THR B 197 -30.64 -6.22 -2.24
C THR B 197 -30.91 -6.35 -0.75
N PHE B 198 -30.66 -5.29 0.01
CA PHE B 198 -30.95 -5.33 1.43
C PHE B 198 -31.56 -4.01 1.87
N ALA B 199 -32.29 -4.04 2.98
CA ALA B 199 -32.85 -2.80 3.52
C ALA B 199 -32.47 -2.70 4.96
N PHE B 200 -32.24 -1.48 5.42
CA PHE B 200 -31.82 -1.21 6.79
C PHE B 200 -32.31 0.15 7.22
N ARG B 201 -32.44 0.37 8.52
CA ARG B 201 -32.76 1.71 9.04
C ARG B 201 -31.98 1.97 10.32
N LYS B 202 -31.96 3.23 10.75
CA LYS B 202 -31.27 3.60 11.99
C LYS B 202 -32.07 3.03 13.15
N LYS B 203 -31.34 2.59 14.19
CA LYS B 203 -31.91 2.28 15.50
C LYS B 203 -31.93 3.56 16.31
N GLN C 1 -2.80 -25.86 -20.16
CA GLN C 1 -4.09 -25.38 -20.75
C GLN C 1 -3.92 -24.24 -21.80
N ILE C 2 -2.72 -23.67 -21.86
CA ILE C 2 -2.37 -22.75 -22.93
C ILE C 2 -0.97 -23.16 -23.39
N ARG C 3 -0.35 -22.39 -24.29
CA ARG C 3 1.06 -22.59 -24.64
C ARG C 3 1.98 -21.87 -23.63
N TRP C 4 2.22 -22.51 -22.48
CA TRP C 4 2.97 -21.90 -21.42
C TRP C 4 4.27 -21.26 -21.85
N THR C 5 5.00 -21.95 -22.73
CA THR C 5 6.34 -21.52 -23.13
C THR C 5 6.30 -20.21 -23.90
N LEU C 6 5.21 -20.02 -24.65
CA LEU C 6 5.01 -18.78 -25.39
C LEU C 6 4.82 -17.68 -24.37
N LEU C 7 4.09 -17.98 -23.30
CA LEU C 7 3.84 -16.96 -22.27
C LEU C 7 5.13 -16.47 -21.65
N ASN C 8 6.13 -17.34 -21.59
CA ASN C 8 7.48 -16.95 -21.17
C ASN C 8 8.09 -15.86 -22.03
N GLN C 9 7.93 -15.97 -23.36
CA GLN C 9 8.37 -14.90 -24.25
C GLN C 9 7.55 -13.62 -24.05
N ILE C 10 6.23 -13.75 -23.94
CA ILE C 10 5.33 -12.60 -23.75
C ILE C 10 5.67 -11.80 -22.49
N THR C 11 5.82 -12.49 -21.36
CA THR C 11 6.23 -11.87 -20.10
C THR C 11 7.67 -11.37 -20.21
N GLY C 12 8.54 -12.14 -20.87
CA GLY C 12 9.92 -11.76 -21.06
C GLY C 12 10.02 -10.43 -21.80
N GLU C 13 9.06 -10.17 -22.68
CA GLU C 13 9.04 -8.94 -23.49
C GLU C 13 8.12 -7.83 -22.89
N SER C 14 7.58 -8.06 -21.70
CA SER C 14 6.50 -7.20 -21.19
C SER C 14 6.97 -5.78 -20.89
N ASP C 15 8.26 -5.59 -20.65
CA ASP C 15 8.79 -4.23 -20.47
C ASP C 15 8.53 -3.27 -21.62
N VAL C 16 8.39 -3.81 -22.83
CA VAL C 16 8.45 -2.99 -24.04
C VAL C 16 7.17 -3.11 -24.83
N ILE C 17 6.66 -1.98 -25.34
CA ILE C 17 5.47 -1.96 -26.19
C ILE C 17 5.65 -2.95 -27.36
N PRO C 18 4.64 -3.75 -27.70
CA PRO C 18 4.78 -4.74 -28.76
C PRO C 18 4.50 -4.15 -30.15
N LEU C 19 5.53 -3.71 -30.83
CA LEU C 19 5.37 -3.25 -32.23
C LEU C 19 5.82 -4.30 -33.24
N SER C 20 5.10 -4.41 -34.35
CA SER C 20 5.63 -5.09 -35.56
C SER C 20 5.75 -4.03 -36.67
N ASN C 21 6.79 -4.17 -37.50
CA ASN C 21 7.19 -3.10 -38.42
C ASN C 21 7.63 -1.89 -37.58
N ASN C 22 7.56 -0.71 -38.17
CA ASN C 22 7.75 0.54 -37.43
C ASN C 22 6.38 1.19 -37.16
N THR C 23 5.34 0.41 -37.40
CA THR C 23 3.97 0.83 -37.23
C THR C 23 3.71 1.18 -35.77
N PRO C 24 3.01 2.28 -35.52
CA PRO C 24 2.44 2.58 -34.21
C PRO C 24 1.44 1.49 -33.79
N LEU C 25 1.45 1.12 -32.52
CA LEU C 25 0.39 0.24 -32.02
C LEU C 25 -0.89 1.05 -31.89
N ASN C 26 -1.94 0.67 -32.60
CA ASN C 26 -3.26 1.23 -32.39
C ASN C 26 -3.84 0.76 -31.05
N VAL C 27 -4.16 1.70 -30.15
CA VAL C 27 -4.78 1.38 -28.86
C VAL C 27 -6.10 2.08 -28.86
N SER C 28 -7.16 1.29 -28.82
CA SER C 28 -8.48 1.82 -28.86
C SER C 28 -9.01 2.05 -27.44
N LEU C 29 -9.61 3.23 -27.21
CA LEU C 29 -10.20 3.57 -25.92
C LEU C 29 -11.62 4.08 -26.03
N ASN C 30 -12.47 3.58 -25.15
CA ASN C 30 -13.81 4.09 -24.93
C ASN C 30 -14.00 4.18 -23.42
N PHE C 31 -14.89 5.05 -22.95
CA PHE C 31 -15.06 5.29 -21.54
C PHE C 31 -16.51 5.16 -21.12
N LYS C 32 -16.72 4.68 -19.90
CA LYS C 32 -18.03 4.69 -19.31
C LYS C 32 -17.90 5.48 -18.01
N LEU C 33 -18.64 6.58 -17.91
CA LEU C 33 -18.69 7.35 -16.69
C LEU C 33 -19.77 6.69 -15.82
N MET C 34 -19.36 6.14 -14.69
CA MET C 34 -20.26 5.30 -13.87
C MET C 34 -20.97 6.11 -12.83
N ASN C 35 -20.30 7.16 -12.33
CA ASN C 35 -20.79 7.81 -11.13
C ASN C 35 -19.95 9.04 -10.87
N ILE C 36 -20.55 10.03 -10.22
CA ILE C 36 -19.82 11.15 -9.63
C ILE C 36 -19.95 11.06 -8.13
N VAL C 37 -18.84 10.76 -7.46
CA VAL C 37 -18.88 10.42 -6.04
C VAL C 37 -18.49 11.55 -5.07
N GLU C 38 -17.99 12.67 -5.62
CA GLU C 38 -17.73 13.86 -4.84
C GLU C 38 -17.66 15.06 -5.80
N ALA C 39 -18.29 16.16 -5.39
CA ALA C 39 -18.08 17.45 -6.01
C ALA C 39 -18.01 18.42 -4.84
N ASP C 40 -16.79 18.77 -4.45
CA ASP C 40 -16.54 19.67 -3.36
C ASP C 40 -16.40 21.08 -3.94
N THR C 41 -17.41 21.92 -3.71
CA THR C 41 -17.45 23.26 -4.28
C THR C 41 -16.56 24.24 -3.51
N GLU C 42 -16.19 23.90 -2.29
CA GLU C 42 -15.22 24.70 -1.54
C GLU C 42 -13.84 24.50 -2.09
N LYS C 43 -13.54 23.29 -2.56
CA LYS C 43 -12.19 23.01 -3.04
C LYS C 43 -12.13 22.99 -4.55
N ASP C 44 -13.29 23.01 -5.22
CA ASP C 44 -13.40 22.84 -6.68
C ASP C 44 -12.74 21.54 -7.13
N GLN C 45 -13.17 20.44 -6.53
CA GLN C 45 -12.60 19.13 -6.82
C GLN C 45 -13.71 18.12 -7.04
N VAL C 46 -13.50 17.23 -8.02
CA VAL C 46 -14.50 16.24 -8.43
C VAL C 46 -13.88 14.85 -8.42
N GLU C 47 -14.64 13.86 -7.90
CA GLU C 47 -14.27 12.45 -8.00
C GLU C 47 -15.32 11.71 -8.78
N VAL C 48 -14.88 10.83 -9.66
CA VAL C 48 -15.75 10.05 -10.52
C VAL C 48 -15.26 8.64 -10.54
N VAL C 49 -16.18 7.70 -10.83
CA VAL C 49 -15.86 6.35 -11.16
C VAL C 49 -15.97 6.18 -12.68
N LEU C 50 -14.91 5.67 -13.26
CA LEU C 50 -14.82 5.59 -14.71
C LEU C 50 -14.26 4.25 -15.09
N TRP C 51 -14.88 3.58 -16.07
CA TRP C 51 -14.33 2.41 -16.73
C TRP C 51 -13.64 2.90 -18.01
N THR C 52 -12.40 2.47 -18.20
CA THR C 52 -11.63 2.73 -19.42
C THR C 52 -11.60 1.45 -20.20
N GLN C 53 -12.20 1.45 -21.39
CA GLN C 53 -12.22 0.24 -22.18
C GLN C 53 -11.10 0.30 -23.19
N ALA C 54 -10.03 -0.45 -22.94
CA ALA C 54 -8.88 -0.44 -23.85
C ALA C 54 -8.71 -1.77 -24.60
N SER C 55 -8.28 -1.66 -25.86
CA SER C 55 -7.98 -2.84 -26.66
C SER C 55 -6.91 -2.53 -27.69
N TRP C 56 -6.15 -3.55 -28.01
CA TRP C 56 -5.00 -3.51 -28.90
C TRP C 56 -4.76 -4.96 -29.33
N LYS C 57 -3.99 -5.14 -30.40
CA LYS C 57 -3.79 -6.46 -30.98
C LYS C 57 -2.32 -6.77 -31.08
N VAL C 58 -1.92 -7.97 -30.70
CA VAL C 58 -0.55 -8.40 -30.90
C VAL C 58 -0.58 -9.75 -31.60
N PRO C 59 -0.41 -9.76 -32.93
CA PRO C 59 -0.51 -11.00 -33.71
C PRO C 59 0.21 -12.24 -33.16
N TYR C 60 1.45 -12.13 -32.70
CA TYR C 60 2.15 -13.34 -32.20
C TYR C 60 1.52 -13.97 -30.94
N TYR C 61 0.64 -13.24 -30.27
CA TYR C 61 -0.10 -13.76 -29.11
C TYR C 61 -1.11 -14.81 -29.53
N SER C 62 -1.46 -14.82 -30.82
CA SER C 62 -2.42 -15.83 -31.32
C SER C 62 -2.00 -17.28 -31.11
N SER C 63 -0.70 -17.55 -30.99
CA SER C 63 -0.26 -18.91 -30.72
C SER C 63 -0.49 -19.39 -29.27
N LEU C 64 -0.98 -18.49 -28.40
CA LEU C 64 -1.17 -18.84 -27.00
C LEU C 64 -2.29 -19.87 -26.85
N LEU C 65 -3.33 -19.73 -27.68
CA LEU C 65 -4.54 -20.54 -27.64
C LEU C 65 -4.70 -21.47 -28.84
N SER C 66 -3.90 -21.25 -29.89
CA SER C 66 -3.94 -22.06 -31.14
C SER C 66 -4.40 -23.51 -30.95
N SER C 67 -3.81 -24.18 -29.96
CA SER C 67 -4.07 -25.59 -29.70
C SER C 67 -4.94 -25.83 -28.46
N SER C 68 -5.64 -24.80 -27.97
CA SER C 68 -6.43 -24.92 -26.73
C SER C 68 -7.94 -24.86 -26.97
N SER C 69 -8.73 -25.44 -26.05
CA SER C 69 -10.20 -25.42 -26.17
C SER C 69 -10.79 -24.02 -25.95
N LEU C 70 -10.24 -23.30 -24.96
CA LEU C 70 -10.55 -21.89 -24.65
C LEU C 70 -10.61 -20.98 -25.89
N ASP C 71 -11.68 -20.18 -26.02
CA ASP C 71 -11.76 -19.20 -27.11
C ASP C 71 -10.99 -17.93 -26.76
N GLN C 72 -10.72 -17.76 -25.47
CA GLN C 72 -10.03 -16.59 -24.97
C GLN C 72 -9.45 -16.95 -23.61
N VAL C 73 -8.48 -16.16 -23.14
CA VAL C 73 -7.90 -16.42 -21.84
C VAL C 73 -7.66 -15.11 -21.07
N SER C 74 -8.05 -15.13 -19.81
CA SER C 74 -7.82 -14.06 -18.88
C SER C 74 -6.53 -14.32 -18.12
N LEU C 75 -5.67 -13.30 -18.09
CA LEU C 75 -4.35 -13.33 -17.47
C LEU C 75 -4.12 -12.09 -16.62
N PRO C 76 -3.30 -12.21 -15.59
CA PRO C 76 -2.90 -11.07 -14.79
C PRO C 76 -2.15 -10.09 -15.70
N VAL C 77 -2.40 -8.81 -15.49
CA VAL C 77 -1.77 -7.69 -16.22
C VAL C 77 -0.25 -7.74 -16.20
N SER C 78 0.30 -8.31 -15.12
CA SER C 78 1.75 -8.37 -14.94
C SER C 78 2.43 -9.36 -15.89
N LYS C 79 1.63 -10.10 -16.65
CA LYS C 79 2.15 -11.13 -17.55
C LYS C 79 2.45 -10.59 -18.94
N MET C 80 2.03 -9.38 -19.25
CA MET C 80 2.27 -8.82 -20.58
C MET C 80 2.37 -7.31 -20.57
N TRP C 81 2.87 -6.73 -21.65
CA TRP C 81 2.82 -5.28 -21.79
C TRP C 81 1.37 -4.77 -21.78
N THR C 82 1.08 -3.72 -21.03
CA THR C 82 -0.23 -3.07 -21.09
C THR C 82 0.02 -1.59 -21.07
N PRO C 83 -0.89 -0.81 -21.63
CA PRO C 83 -0.62 0.61 -21.87
C PRO C 83 -0.44 1.39 -20.58
N ASP C 84 0.49 2.35 -20.60
CA ASP C 84 0.73 3.20 -19.47
C ASP C 84 -0.17 4.43 -19.49
N LEU C 85 -1.48 4.19 -19.45
CA LEU C 85 -2.46 5.27 -19.45
C LEU C 85 -2.40 6.09 -18.19
N SER C 86 -2.30 7.40 -18.34
CA SER C 86 -2.36 8.25 -17.16
C SER C 86 -3.44 9.29 -17.35
N PHE C 87 -4.03 9.72 -16.24
CA PHE C 87 -4.89 10.90 -16.23
C PHE C 87 -3.97 12.10 -16.11
N TYR C 88 -3.84 12.83 -17.21
N TYR C 88 -3.87 12.86 -17.20
CA TYR C 88 -2.91 13.95 -17.27
CA TYR C 88 -2.93 13.98 -17.31
C TYR C 88 -3.25 14.98 -16.19
C TYR C 88 -3.30 15.17 -16.41
N ASN C 89 -4.54 15.19 -15.93
CA ASN C 89 -4.97 16.17 -14.96
C ASN C 89 -5.44 15.57 -13.61
N ALA C 90 -5.06 14.34 -13.29
CA ALA C 90 -5.40 13.80 -11.95
C ALA C 90 -4.71 14.61 -10.83
N ILE C 91 -5.40 14.82 -9.71
CA ILE C 91 -4.77 15.44 -8.56
C ILE C 91 -4.59 14.42 -7.41
N ALA C 92 -4.90 13.16 -7.67
CA ALA C 92 -4.64 12.11 -6.68
C ALA C 92 -4.45 10.84 -7.49
N ALA C 93 -3.78 9.84 -6.94
CA ALA C 93 -3.46 8.67 -7.73
C ALA C 93 -4.78 7.95 -8.00
N PRO C 94 -5.05 7.54 -9.23
CA PRO C 94 -6.31 6.82 -9.49
C PRO C 94 -6.39 5.52 -8.70
N GLU C 95 -7.54 5.23 -8.14
CA GLU C 95 -7.69 4.00 -7.35
C GLU C 95 -8.34 2.90 -8.22
N LEU C 96 -7.70 1.74 -8.38
CA LEU C 96 -8.26 0.66 -9.20
C LEU C 96 -9.37 -0.05 -8.40
N LEU C 97 -10.54 -0.25 -9.01
CA LEU C 97 -11.70 -0.90 -8.33
C LEU C 97 -12.06 -2.31 -8.78
N SER C 98 -11.37 -2.79 -9.79
CA SER C 98 -11.72 -4.02 -10.48
C SER C 98 -10.50 -4.93 -10.51
N ALA C 99 -10.71 -6.21 -10.82
CA ALA C 99 -9.60 -7.16 -10.86
C ALA C 99 -8.57 -6.76 -11.93
N ASP C 100 -7.29 -6.84 -11.60
CA ASP C 100 -6.23 -6.41 -12.55
C ASP C 100 -5.79 -7.51 -13.54
N ARG C 101 -6.68 -7.78 -14.48
CA ARG C 101 -6.48 -8.83 -15.45
C ARG C 101 -6.91 -8.35 -16.85
N VAL C 102 -6.31 -8.95 -17.86
CA VAL C 102 -6.68 -8.72 -19.25
C VAL C 102 -7.21 -10.03 -19.83
N VAL C 103 -7.88 -9.93 -20.97
CA VAL C 103 -8.37 -11.09 -21.72
C VAL C 103 -7.73 -11.07 -23.12
N VAL C 104 -7.08 -12.18 -23.49
CA VAL C 104 -6.44 -12.31 -24.78
C VAL C 104 -7.31 -13.24 -25.62
N SER C 105 -7.64 -12.82 -26.85
CA SER C 105 -8.47 -13.63 -27.78
C SER C 105 -7.68 -14.60 -28.62
N LYS C 106 -8.39 -15.43 -29.38
CA LYS C 106 -7.73 -16.36 -30.31
C LYS C 106 -6.85 -15.68 -31.35
N ASP C 107 -7.22 -14.48 -31.79
CA ASP C 107 -6.44 -13.80 -32.82
C ASP C 107 -5.34 -12.88 -32.27
N GLY C 108 -5.17 -12.89 -30.95
CA GLY C 108 -4.17 -12.01 -30.35
C GLY C 108 -4.64 -10.60 -29.99
N SER C 109 -5.91 -10.28 -30.14
CA SER C 109 -6.34 -9.01 -29.57
C SER C 109 -6.47 -9.11 -28.03
N VAL C 110 -6.25 -7.98 -27.36
CA VAL C 110 -6.22 -7.93 -25.91
C VAL C 110 -7.25 -6.93 -25.42
N ILE C 111 -8.02 -7.31 -24.39
CA ILE C 111 -8.98 -6.38 -23.78
C ILE C 111 -8.63 -6.18 -22.32
N TYR C 112 -8.66 -4.92 -21.92
CA TYR C 112 -8.30 -4.48 -20.59
C TYR C 112 -9.31 -3.41 -20.19
N VAL C 113 -10.05 -3.65 -19.11
CA VAL C 113 -11.03 -2.64 -18.66
C VAL C 113 -10.87 -2.29 -17.18
N PRO C 114 -9.96 -1.38 -16.84
CA PRO C 114 -9.85 -0.94 -15.46
C PRO C 114 -11.04 -0.04 -14.99
N SER C 115 -11.68 -0.39 -13.86
CA SER C 115 -12.58 0.56 -13.20
C SER C 115 -11.77 1.35 -12.20
N GLN C 116 -11.89 2.69 -12.20
CA GLN C 116 -11.03 3.50 -11.33
C GLN C 116 -11.77 4.66 -10.74
N ARG C 117 -11.40 5.04 -9.53
CA ARG C 117 -11.87 6.27 -8.96
C ARG C 117 -10.81 7.33 -9.16
N VAL C 118 -11.21 8.44 -9.76
CA VAL C 118 -10.25 9.46 -10.25
C VAL C 118 -10.68 10.85 -9.77
N ARG C 119 -9.74 11.62 -9.23
CA ARG C 119 -10.02 12.92 -8.66
C ARG C 119 -9.30 14.01 -9.50
N PHE C 120 -9.96 15.14 -9.72
CA PHE C 120 -9.37 16.23 -10.50
C PHE C 120 -10.04 17.53 -10.08
N THR C 121 -9.46 18.66 -10.50
CA THR C 121 -10.08 19.93 -10.18
C THR C 121 -10.98 20.40 -11.32
N CYS C 122 -12.03 21.10 -10.93
CA CYS C 122 -13.08 21.54 -11.82
C CYS C 122 -13.70 22.74 -11.11
N ASP C 123 -13.84 23.85 -11.84
CA ASP C 123 -14.61 25.00 -11.36
C ASP C 123 -16.10 24.65 -11.15
N LEU C 124 -16.53 24.54 -9.90
CA LEU C 124 -17.89 24.10 -9.59
C LEU C 124 -18.86 25.28 -9.30
N ILE C 125 -18.48 26.48 -9.73
CA ILE C 125 -19.27 27.69 -9.44
C ILE C 125 -20.74 27.52 -9.84
N ASN C 126 -20.97 26.89 -10.98
CA ASN C 126 -22.33 26.70 -11.52
C ASN C 126 -22.94 25.31 -11.31
N VAL C 127 -22.34 24.49 -10.45
CA VAL C 127 -22.83 23.11 -10.27
C VAL C 127 -24.32 23.06 -9.90
N ASP C 128 -24.83 24.12 -9.26
CA ASP C 128 -26.21 24.13 -8.77
C ASP C 128 -27.16 25.01 -9.57
N THR C 129 -26.91 25.12 -10.87
CA THR C 129 -27.77 25.85 -11.81
C THR C 129 -28.19 24.88 -12.93
N GLU C 130 -29.15 25.26 -13.76
CA GLU C 130 -29.68 24.39 -14.82
C GLU C 130 -28.63 23.87 -15.81
N PRO C 131 -27.71 24.71 -16.31
CA PRO C 131 -26.69 24.21 -17.24
C PRO C 131 -25.57 23.40 -16.56
N GLY C 132 -25.47 23.50 -15.24
CA GLY C 132 -24.49 22.77 -14.46
C GLY C 132 -23.05 23.22 -14.66
N ALA C 133 -22.13 22.38 -14.17
CA ALA C 133 -20.69 22.62 -14.25
C ALA C 133 -20.13 21.69 -15.30
N THR C 134 -19.22 22.20 -16.12
CA THR C 134 -18.55 21.44 -17.16
C THR C 134 -17.16 21.00 -16.68
N CYS C 135 -16.85 19.70 -16.80
CA CYS C 135 -15.59 19.12 -16.37
C CYS C 135 -14.89 18.41 -17.48
N ARG C 136 -13.59 18.22 -17.33
CA ARG C 136 -12.76 17.58 -18.36
C ARG C 136 -11.72 16.64 -17.76
N ILE C 137 -11.60 15.48 -18.38
CA ILE C 137 -10.62 14.49 -18.00
C ILE C 137 -9.76 14.18 -19.22
N LYS C 138 -8.45 14.23 -19.06
CA LYS C 138 -7.55 13.99 -20.19
C LYS C 138 -6.78 12.71 -19.94
N VAL C 139 -6.86 11.75 -20.87
CA VAL C 139 -6.20 10.48 -20.73
C VAL C 139 -5.27 10.25 -21.89
N GLY C 140 -4.04 9.79 -21.62
CA GLY C 140 -3.20 9.23 -22.66
C GLY C 140 -2.01 8.50 -22.10
N SER C 141 -1.17 7.99 -22.99
CA SER C 141 0.09 7.38 -22.58
C SER C 141 0.98 8.39 -21.89
N TRP C 142 1.54 8.05 -20.73
CA TRP C 142 2.52 8.95 -20.13
C TRP C 142 3.87 9.05 -20.88
N THR C 143 4.35 7.92 -21.43
CA THR C 143 5.69 7.85 -21.98
C THR C 143 5.79 7.22 -23.37
N HIS C 144 4.69 6.94 -24.07
CA HIS C 144 4.78 6.37 -25.41
C HIS C 144 4.19 7.41 -26.34
N ASP C 145 5.03 8.03 -27.17
CA ASP C 145 4.56 9.05 -28.11
C ASP C 145 3.85 8.40 -29.27
N ASN C 146 3.18 9.21 -30.10
CA ASN C 146 2.30 8.69 -31.13
C ASN C 146 2.95 7.98 -32.34
N LYS C 147 4.28 7.97 -32.40
CA LYS C 147 4.99 7.14 -33.38
C LYS C 147 5.09 5.70 -32.87
N GLN C 148 4.79 5.50 -31.59
CA GLN C 148 4.79 4.15 -31.02
C GLN C 148 3.41 3.72 -30.56
N PHE C 149 2.64 4.68 -30.05
CA PHE C 149 1.38 4.46 -29.37
C PHE C 149 0.38 5.41 -29.97
N ALA C 150 -0.55 4.88 -30.78
CA ALA C 150 -1.56 5.71 -31.43
C ALA C 150 -2.95 5.49 -30.80
N LEU C 151 -3.63 6.56 -30.43
CA LEU C 151 -4.96 6.47 -29.84
C LEU C 151 -6.05 6.53 -30.90
N ILE C 152 -6.96 5.57 -30.84
CA ILE C 152 -8.14 5.51 -31.69
C ILE C 152 -9.35 5.35 -30.77
N THR C 153 -10.51 5.82 -31.22
CA THR C 153 -11.67 5.90 -30.33
C THR C 153 -12.61 4.66 -30.34
N GLY C 154 -13.29 4.42 -29.22
CA GLY C 154 -14.07 3.18 -28.95
C GLY C 154 -15.05 2.64 -30.00
N GLU C 155 -15.27 1.31 -29.97
CA GLU C 155 -16.06 0.58 -30.99
C GLU C 155 -17.59 0.79 -30.97
N GLU C 156 -18.17 0.93 -29.77
CA GLU C 156 -19.60 1.30 -29.68
C GLU C 156 -19.86 2.73 -29.14
N GLY C 157 -20.43 3.58 -30.00
CA GLY C 157 -20.78 4.96 -29.62
C GLY C 157 -19.63 5.90 -29.28
N VAL C 158 -19.97 7.13 -28.91
CA VAL C 158 -19.02 8.22 -28.72
C VAL C 158 -19.63 9.34 -27.86
N VAL C 159 -20.96 9.39 -27.78
CA VAL C 159 -21.65 10.27 -26.81
C VAL C 159 -22.28 9.41 -25.67
N ASN C 160 -22.17 8.07 -25.79
CA ASN C 160 -22.75 7.05 -24.80
C ASN C 160 -21.78 6.56 -23.71
N ILE C 161 -20.92 7.48 -23.34
CA ILE C 161 -20.18 7.43 -22.13
C ILE C 161 -21.13 7.22 -20.93
N ALA C 162 -22.36 7.71 -21.03
CA ALA C 162 -23.29 7.71 -19.91
C ALA C 162 -24.13 6.44 -19.75
N GLU C 163 -23.87 5.42 -20.54
CA GLU C 163 -24.74 4.25 -20.64
C GLU C 163 -25.09 3.63 -19.27
N TYR C 164 -24.09 3.55 -18.40
CA TYR C 164 -24.28 2.98 -17.07
C TYR C 164 -24.43 4.01 -15.95
N PHE C 165 -24.35 5.30 -16.26
CA PHE C 165 -24.38 6.29 -15.19
C PHE C 165 -25.59 6.19 -14.27
N ASP C 166 -25.32 6.29 -12.97
CA ASP C 166 -26.35 6.37 -11.97
C ASP C 166 -25.80 7.08 -10.75
N SER C 167 -26.52 8.10 -10.28
CA SER C 167 -26.15 8.82 -9.06
C SER C 167 -27.41 9.35 -8.41
N PRO C 168 -27.56 9.22 -7.09
CA PRO C 168 -28.66 9.88 -6.40
C PRO C 168 -28.41 11.36 -6.10
N LYS C 169 -27.16 11.81 -6.24
CA LYS C 169 -26.82 13.20 -5.92
C LYS C 169 -26.70 14.10 -7.16
N PHE C 170 -26.39 13.54 -8.31
CA PHE C 170 -26.10 14.37 -9.48
C PHE C 170 -26.81 13.92 -10.74
N ASP C 171 -27.16 14.89 -11.60
CA ASP C 171 -27.62 14.63 -12.97
C ASP C 171 -26.46 14.83 -13.93
N LEU C 172 -26.22 13.84 -14.77
CA LEU C 172 -25.30 13.99 -15.89
C LEU C 172 -26.06 14.59 -17.06
N LEU C 173 -25.61 15.76 -17.52
CA LEU C 173 -26.34 16.51 -18.54
C LEU C 173 -25.83 16.21 -19.93
N SER C 174 -24.53 15.99 -20.03
CA SER C 174 -23.87 15.66 -21.30
C SER C 174 -22.49 15.06 -21.09
N ALA C 175 -22.01 14.33 -22.10
CA ALA C 175 -20.70 13.71 -22.02
C ALA C 175 -20.22 13.47 -23.44
N THR C 176 -19.05 13.96 -23.79
CA THR C 176 -18.45 13.64 -25.07
C THR C 176 -16.97 13.34 -24.91
N GLN C 177 -16.41 12.61 -25.85
CA GLN C 177 -14.98 12.36 -25.87
C GLN C 177 -14.38 12.80 -27.20
N SER C 178 -13.10 13.16 -27.18
CA SER C 178 -12.49 13.72 -28.36
C SER C 178 -10.99 13.45 -28.39
N LEU C 179 -10.48 13.03 -29.53
CA LEU C 179 -9.06 12.79 -29.69
C LEU C 179 -8.30 14.06 -30.05
N ASN C 180 -7.15 14.26 -29.40
CA ASN C 180 -6.24 15.38 -29.67
C ASN C 180 -4.80 14.88 -29.71
N ARG C 181 -3.88 15.76 -30.14
CA ARG C 181 -2.44 15.48 -30.11
C ARG C 181 -1.68 16.71 -29.59
N LYS C 182 -0.85 16.50 -28.57
CA LYS C 182 -0.18 17.61 -27.93
C LYS C 182 1.33 17.42 -27.90
N LYS C 183 2.06 18.52 -28.14
CA LYS C 183 3.53 18.49 -28.11
C LYS C 183 4.04 18.88 -26.73
N TYR C 184 5.15 18.26 -26.32
CA TYR C 184 5.72 18.48 -25.00
C TYR C 184 7.20 18.88 -25.08
N SER C 185 7.69 19.46 -23.99
CA SER C 185 9.11 19.80 -23.82
C SER C 185 10.04 18.61 -24.12
N CYS C 186 9.83 17.51 -23.41
CA CYS C 186 10.69 16.32 -23.40
C CYS C 186 11.04 15.76 -24.79
N CYS C 187 10.13 15.95 -25.74
CA CYS C 187 10.08 15.09 -26.91
C CYS C 187 9.79 15.84 -28.21
N GLU C 188 10.49 15.43 -29.27
CA GLU C 188 10.26 15.98 -30.61
C GLU C 188 8.99 15.37 -31.25
N ASN C 189 8.48 14.31 -30.63
CA ASN C 189 7.21 13.70 -31.05
C ASN C 189 6.03 13.99 -30.13
N MET C 190 4.85 13.92 -30.74
CA MET C 190 3.63 14.28 -30.06
C MET C 190 3.02 13.08 -29.33
N TYR C 191 2.17 13.39 -28.35
CA TYR C 191 1.42 12.40 -27.62
C TYR C 191 -0.04 12.58 -27.94
N ASP C 192 -0.72 11.48 -28.27
CA ASP C 192 -2.18 11.49 -28.38
C ASP C 192 -2.81 11.50 -26.99
N ASP C 193 -3.96 12.16 -26.89
CA ASP C 193 -4.80 12.09 -25.71
C ASP C 193 -6.26 12.17 -26.09
N ILE C 194 -7.09 11.54 -25.27
CA ILE C 194 -8.52 11.66 -25.38
C ILE C 194 -9.03 12.52 -24.25
N GLU C 195 -9.91 13.45 -24.56
CA GLU C 195 -10.43 14.35 -23.56
C GLU C 195 -11.92 14.04 -23.41
N ILE C 196 -12.33 13.63 -22.21
CA ILE C 196 -13.72 13.52 -21.91
C ILE C 196 -14.15 14.87 -21.39
N THR C 197 -15.20 15.43 -21.96
CA THR C 197 -15.88 16.62 -21.42
C THR C 197 -17.28 16.26 -20.93
N PHE C 198 -17.64 16.63 -19.72
CA PHE C 198 -18.99 16.38 -19.31
C PHE C 198 -19.53 17.50 -18.46
N ALA C 199 -20.84 17.66 -18.48
CA ALA C 199 -21.52 18.64 -17.65
C ALA C 199 -22.46 17.91 -16.68
N PHE C 200 -22.49 18.38 -15.46
CA PHE C 200 -23.35 17.75 -14.45
C PHE C 200 -23.85 18.84 -13.51
N ARG C 201 -24.88 18.52 -12.74
CA ARG C 201 -25.41 19.44 -11.75
C ARG C 201 -25.97 18.66 -10.56
N LYS C 202 -26.11 19.37 -9.44
CA LYS C 202 -26.77 18.83 -8.26
C LYS C 202 -28.22 18.55 -8.60
N LYS C 203 -28.75 17.43 -8.09
CA LYS C 203 -30.17 17.13 -8.30
C LYS C 203 -31.06 18.06 -7.48
N GLN D 1 13.14 -6.58 -30.09
CA GLN D 1 12.98 -5.09 -30.13
C GLN D 1 14.16 -4.33 -29.49
N ILE D 2 14.72 -4.86 -28.41
CA ILE D 2 15.86 -4.21 -27.80
C ILE D 2 16.89 -5.27 -27.46
N ARG D 3 18.12 -4.83 -27.19
CA ARG D 3 19.21 -5.71 -26.79
C ARG D 3 18.94 -6.22 -25.37
N TRP D 4 18.11 -7.23 -25.27
CA TRP D 4 17.62 -7.73 -23.99
C TRP D 4 18.68 -8.12 -22.99
N THR D 5 19.80 -8.65 -23.46
CA THR D 5 20.84 -9.10 -22.55
C THR D 5 21.60 -7.89 -21.99
N LEU D 6 21.59 -6.76 -22.71
CA LEU D 6 22.14 -5.53 -22.16
C LEU D 6 21.36 -5.12 -20.90
N LEU D 7 20.03 -5.19 -20.98
CA LEU D 7 19.13 -4.87 -19.88
C LEU D 7 19.41 -5.70 -18.66
N ASN D 8 19.83 -6.94 -18.85
CA ASN D 8 20.32 -7.73 -17.70
C ASN D 8 21.50 -7.13 -16.93
N GLN D 9 22.43 -6.48 -17.64
CA GLN D 9 23.47 -5.70 -16.98
C GLN D 9 22.88 -4.40 -16.35
N ILE D 10 21.99 -3.74 -17.07
CA ILE D 10 21.39 -2.48 -16.57
C ILE D 10 20.58 -2.72 -15.29
N THR D 11 19.76 -3.75 -15.30
CA THR D 11 19.01 -4.13 -14.08
C THR D 11 19.95 -4.65 -13.00
N GLY D 12 20.94 -5.45 -13.39
CA GLY D 12 21.93 -5.96 -12.45
C GLY D 12 22.69 -4.90 -11.70
N GLU D 13 22.93 -3.78 -12.36
CA GLU D 13 23.64 -2.68 -11.74
C GLU D 13 22.68 -1.65 -11.12
N SER D 14 21.38 -1.92 -11.12
CA SER D 14 20.43 -0.87 -10.77
C SER D 14 20.46 -0.36 -9.32
N ASP D 15 21.07 -1.12 -8.40
CA ASP D 15 21.25 -0.70 -7.01
C ASP D 15 22.15 0.51 -6.82
N VAL D 16 23.02 0.77 -7.80
CA VAL D 16 24.09 1.72 -7.63
C VAL D 16 24.07 2.78 -8.74
N ILE D 17 24.33 4.04 -8.42
CA ILE D 17 24.39 5.13 -9.39
C ILE D 17 25.40 4.82 -10.49
N PRO D 18 25.04 5.06 -11.75
CA PRO D 18 25.92 4.73 -12.86
C PRO D 18 26.92 5.84 -13.16
N LEU D 19 28.09 5.72 -12.56
CA LEU D 19 29.18 6.64 -12.86
C LEU D 19 30.11 6.05 -13.92
N SER D 20 30.78 6.93 -14.64
CA SER D 20 32.04 6.55 -15.29
C SER D 20 33.10 7.57 -14.85
N ASN D 21 34.37 7.14 -14.84
CA ASN D 21 35.46 7.87 -14.17
C ASN D 21 35.25 7.84 -12.65
N ASN D 22 35.43 9.00 -12.03
CA ASN D 22 34.92 9.33 -10.69
C ASN D 22 34.17 10.67 -10.72
N THR D 23 33.69 11.03 -11.92
CA THR D 23 32.95 12.28 -12.14
C THR D 23 31.58 12.06 -11.56
N PRO D 24 30.98 13.08 -10.94
CA PRO D 24 29.58 12.99 -10.57
C PRO D 24 28.70 12.86 -11.81
N LEU D 25 27.63 12.09 -11.68
CA LEU D 25 26.61 12.07 -12.69
C LEU D 25 25.93 13.43 -12.67
N ASN D 26 25.73 14.04 -13.83
CA ASN D 26 24.95 15.26 -13.85
C ASN D 26 23.50 14.92 -13.97
N VAL D 27 22.68 15.41 -13.06
CA VAL D 27 21.28 15.11 -13.12
C VAL D 27 20.57 16.41 -13.26
N SER D 28 19.86 16.55 -14.37
CA SER D 28 19.15 17.76 -14.64
C SER D 28 17.72 17.69 -14.15
N LEU D 29 17.29 18.71 -13.41
CA LEU D 29 15.96 18.76 -12.84
C LEU D 29 15.31 20.07 -13.16
N ASN D 30 14.16 19.99 -13.82
CA ASN D 30 13.29 21.14 -13.95
C ASN D 30 11.91 20.83 -13.38
N PHE D 31 11.15 21.87 -13.04
CA PHE D 31 9.89 21.68 -12.36
C PHE D 31 8.77 22.44 -13.03
N LYS D 32 7.59 21.82 -13.02
CA LYS D 32 6.38 22.51 -13.41
C LYS D 32 5.34 22.38 -12.28
N LEU D 33 4.97 23.53 -11.71
CA LEU D 33 3.91 23.63 -10.73
C LEU D 33 2.63 23.65 -11.48
N MET D 34 1.82 22.60 -11.30
CA MET D 34 0.59 22.43 -12.07
C MET D 34 -0.65 23.00 -11.37
N ASN D 35 -0.63 23.02 -10.05
CA ASN D 35 -1.87 23.28 -9.33
C ASN D 35 -1.56 23.28 -7.84
N ILE D 36 -2.37 24.01 -7.09
CA ILE D 36 -2.31 24.01 -5.63
C ILE D 36 -3.67 23.46 -5.25
N VAL D 37 -3.71 22.32 -4.59
CA VAL D 37 -4.99 21.62 -4.41
C VAL D 37 -5.47 21.61 -2.96
N GLU D 38 -4.62 22.09 -2.07
CA GLU D 38 -5.00 22.28 -0.70
C GLU D 38 -4.21 23.44 -0.14
N ALA D 39 -4.92 24.30 0.57
CA ALA D 39 -4.31 25.36 1.38
C ALA D 39 -5.14 25.48 2.65
N ASP D 40 -4.76 24.70 3.65
CA ASP D 40 -5.51 24.60 4.89
C ASP D 40 -4.96 25.63 5.89
N THR D 41 -5.70 26.72 6.10
CA THR D 41 -5.18 27.82 6.92
C THR D 41 -5.20 27.48 8.42
N GLU D 42 -6.04 26.53 8.80
CA GLU D 42 -6.08 26.12 10.20
C GLU D 42 -4.84 25.33 10.54
N LYS D 43 -4.32 24.53 9.58
CA LYS D 43 -3.11 23.75 9.85
C LYS D 43 -1.86 24.36 9.23
N ASP D 44 -2.02 25.36 8.36
CA ASP D 44 -0.91 25.91 7.60
C ASP D 44 -0.21 24.78 6.87
N GLN D 45 -0.95 24.09 6.03
CA GLN D 45 -0.41 23.03 5.19
C GLN D 45 -0.89 23.24 3.77
N VAL D 46 -0.02 22.99 2.82
CA VAL D 46 -0.35 23.21 1.40
C VAL D 46 -0.12 21.87 0.70
N GLU D 47 -0.96 21.54 -0.28
CA GLU D 47 -0.63 20.48 -1.21
C GLU D 47 -0.58 21.02 -2.64
N VAL D 48 0.42 20.56 -3.37
CA VAL D 48 0.58 20.98 -4.79
C VAL D 48 0.63 19.74 -5.66
N VAL D 49 0.31 19.91 -6.93
CA VAL D 49 0.66 18.92 -7.95
C VAL D 49 1.87 19.48 -8.73
N LEU D 50 2.95 18.70 -8.75
CA LEU D 50 4.24 19.15 -9.29
C LEU D 50 4.75 18.10 -10.24
N TRP D 51 5.19 18.51 -11.43
CA TRP D 51 5.92 17.62 -12.31
C TRP D 51 7.39 17.91 -12.14
N THR D 52 8.17 16.86 -11.86
CA THR D 52 9.61 16.90 -11.79
C THR D 52 10.17 16.30 -13.07
N GLN D 53 10.89 17.11 -13.85
CA GLN D 53 11.47 16.61 -15.11
C GLN D 53 12.92 16.32 -14.91
N ALA D 54 13.25 15.03 -14.77
CA ALA D 54 14.62 14.60 -14.50
C ALA D 54 15.25 13.94 -15.72
N SER D 55 16.56 14.18 -15.91
CA SER D 55 17.30 13.51 -16.99
C SER D 55 18.77 13.42 -16.70
N TRP D 56 19.36 12.34 -17.18
CA TRP D 56 20.74 12.08 -16.98
C TRP D 56 21.12 11.18 -18.13
N LYS D 57 22.41 10.90 -18.27
CA LYS D 57 22.89 10.13 -19.43
C LYS D 57 23.84 9.09 -18.96
N VAL D 58 23.74 7.91 -19.56
CA VAL D 58 24.57 6.76 -19.23
C VAL D 58 25.00 6.20 -20.60
N PRO D 59 26.16 6.61 -21.09
CA PRO D 59 26.57 6.27 -22.46
C PRO D 59 26.42 4.77 -22.82
N TYR D 60 26.70 3.86 -21.90
CA TYR D 60 26.62 2.43 -22.21
C TYR D 60 25.22 1.94 -22.54
N TYR D 61 24.19 2.67 -22.09
CA TYR D 61 22.79 2.36 -22.44
C TYR D 61 22.55 2.54 -23.92
N SER D 62 23.40 3.33 -24.59
CA SER D 62 23.22 3.56 -26.04
C SER D 62 23.11 2.26 -26.86
N SER D 63 23.77 1.19 -26.44
CA SER D 63 23.62 -0.11 -27.13
C SER D 63 22.26 -0.81 -27.00
N LEU D 64 21.37 -0.26 -26.20
CA LEU D 64 20.10 -0.92 -25.99
C LEU D 64 19.30 -0.87 -27.27
N LEU D 65 19.48 0.21 -28.04
CA LEU D 65 18.69 0.46 -29.25
C LEU D 65 19.46 0.57 -30.55
N SER D 66 20.79 0.65 -30.49
CA SER D 66 21.60 0.97 -31.68
C SER D 66 21.27 0.13 -32.94
N SER D 67 20.74 -1.09 -32.70
CA SER D 67 20.33 -2.00 -33.76
C SER D 67 18.81 -2.07 -33.94
N SER D 68 18.11 -1.15 -33.31
CA SER D 68 16.65 -1.20 -33.25
C SER D 68 16.08 -0.09 -34.11
N SER D 69 14.89 -0.33 -34.65
CA SER D 69 14.17 0.69 -35.38
C SER D 69 13.49 1.71 -34.46
N LEU D 70 13.38 1.38 -33.17
CA LEU D 70 12.86 2.30 -32.14
C LEU D 70 13.82 3.48 -31.98
N ASP D 71 13.28 4.70 -31.93
CA ASP D 71 14.10 5.88 -31.70
C ASP D 71 14.36 6.12 -30.21
N GLN D 72 13.43 5.63 -29.40
CA GLN D 72 13.53 5.70 -27.95
C GLN D 72 12.73 4.52 -27.38
N VAL D 73 12.96 4.17 -26.11
CA VAL D 73 12.23 3.06 -25.48
C VAL D 73 11.78 3.43 -24.08
N SER D 74 10.50 3.24 -23.83
CA SER D 74 9.96 3.44 -22.51
C SER D 74 10.06 2.13 -21.73
N LEU D 75 10.58 2.24 -20.51
CA LEU D 75 10.80 1.09 -19.64
C LEU D 75 10.34 1.39 -18.22
N PRO D 76 9.93 0.35 -17.48
CA PRO D 76 9.58 0.49 -16.06
C PRO D 76 10.77 0.99 -15.27
N VAL D 77 10.53 1.90 -14.33
CA VAL D 77 11.54 2.44 -13.44
C VAL D 77 12.34 1.37 -12.70
N SER D 78 11.71 0.24 -12.40
CA SER D 78 12.41 -0.81 -11.65
C SER D 78 13.53 -1.47 -12.47
N LYS D 79 13.57 -1.23 -13.78
CA LYS D 79 14.58 -1.83 -14.66
C LYS D 79 15.99 -1.18 -14.61
N MET D 80 16.10 0.00 -13.99
CA MET D 80 17.39 0.70 -13.95
C MET D 80 17.50 1.65 -12.76
N TRP D 81 18.70 2.09 -12.43
CA TRP D 81 18.87 3.08 -11.38
C TRP D 81 18.09 4.32 -11.74
N THR D 82 17.42 4.93 -10.76
CA THR D 82 16.83 6.25 -10.96
C THR D 82 17.19 7.07 -9.71
N PRO D 83 17.23 8.40 -9.85
CA PRO D 83 17.65 9.27 -8.75
C PRO D 83 16.74 9.09 -7.56
N ASP D 84 17.32 9.10 -6.38
CA ASP D 84 16.52 8.93 -5.17
C ASP D 84 16.14 10.33 -4.62
N LEU D 85 15.41 11.10 -5.42
CA LEU D 85 14.96 12.44 -5.05
C LEU D 85 13.99 12.40 -3.85
N SER D 86 14.23 13.23 -2.85
CA SER D 86 13.30 13.38 -1.79
C SER D 86 12.98 14.85 -1.70
N PHE D 87 11.78 15.14 -1.24
CA PHE D 87 11.41 16.51 -0.87
C PHE D 87 11.81 16.67 0.55
N TYR D 88 12.85 17.49 0.77
N TYR D 88 12.85 17.46 0.80
CA TYR D 88 13.49 17.65 2.09
CA TYR D 88 13.41 17.59 2.16
C TYR D 88 12.55 18.25 3.17
C TYR D 88 12.37 18.01 3.18
N ASN D 89 11.45 18.85 2.74
CA ASN D 89 10.49 19.44 3.65
C ASN D 89 9.07 18.87 3.50
N ALA D 90 8.93 17.66 2.94
CA ALA D 90 7.63 17.03 2.79
C ALA D 90 7.15 16.61 4.17
N ILE D 91 5.84 16.71 4.39
CA ILE D 91 5.24 16.25 5.66
C ILE D 91 4.36 15.01 5.49
N ALA D 92 4.21 14.56 4.25
CA ALA D 92 3.53 13.30 3.92
C ALA D 92 4.30 12.68 2.76
N ALA D 93 4.13 11.39 2.52
CA ALA D 93 4.89 10.74 1.44
C ALA D 93 4.33 11.28 0.12
N PRO D 94 5.15 11.75 -0.84
CA PRO D 94 4.57 12.24 -2.09
C PRO D 94 3.89 11.11 -2.83
N GLU D 95 2.71 11.37 -3.37
CA GLU D 95 1.90 10.41 -4.07
C GLU D 95 2.13 10.55 -5.56
N LEU D 96 2.52 9.45 -6.21
CA LEU D 96 2.77 9.39 -7.63
C LEU D 96 1.47 9.37 -8.40
N LEU D 97 1.34 10.24 -9.41
CA LEU D 97 0.09 10.30 -10.13
C LEU D 97 0.19 9.91 -11.61
N SER D 98 1.37 9.43 -12.03
CA SER D 98 1.61 9.18 -13.44
C SER D 98 2.30 7.84 -13.51
N ALA D 99 2.39 7.24 -14.70
CA ALA D 99 3.04 5.96 -14.89
C ALA D 99 4.50 5.96 -14.45
N ASP D 100 4.91 4.91 -13.72
CA ASP D 100 6.29 4.82 -13.21
C ASP D 100 7.23 4.25 -14.26
N ARG D 101 7.53 5.06 -15.29
CA ARG D 101 8.34 4.63 -16.43
C ARG D 101 9.29 5.72 -16.89
N VAL D 102 10.44 5.31 -17.40
CA VAL D 102 11.46 6.24 -17.95
C VAL D 102 11.52 6.01 -19.45
N VAL D 103 12.13 6.95 -20.17
CA VAL D 103 12.39 6.84 -21.62
C VAL D 103 13.88 6.99 -21.88
N VAL D 104 14.47 6.00 -22.55
CA VAL D 104 15.90 5.93 -22.87
C VAL D 104 16.02 6.23 -24.37
N SER D 105 16.85 7.21 -24.74
CA SER D 105 17.07 7.56 -26.15
C SER D 105 18.26 6.80 -26.71
N LYS D 106 18.55 7.05 -27.99
CA LYS D 106 19.59 6.32 -28.73
C LYS D 106 20.98 6.60 -28.21
N ASP D 107 21.18 7.80 -27.69
CA ASP D 107 22.48 8.14 -27.14
C ASP D 107 22.70 7.72 -25.67
N GLY D 108 21.74 7.08 -25.02
CA GLY D 108 21.94 6.66 -23.62
C GLY D 108 21.37 7.67 -22.62
N SER D 109 20.77 8.74 -23.14
CA SER D 109 20.00 9.74 -22.36
C SER D 109 18.76 9.12 -21.78
N VAL D 110 18.45 9.43 -20.51
CA VAL D 110 17.27 8.95 -19.83
C VAL D 110 16.41 10.13 -19.35
N ILE D 111 15.09 10.05 -19.59
CA ILE D 111 14.13 11.05 -19.12
C ILE D 111 13.09 10.39 -18.24
N TYR D 112 12.85 11.00 -17.10
CA TYR D 112 11.93 10.51 -16.11
C TYR D 112 11.11 11.71 -15.64
N VAL D 113 9.80 11.72 -15.86
CA VAL D 113 8.94 12.85 -15.39
C VAL D 113 7.81 12.42 -14.43
N PRO D 114 8.08 12.24 -13.14
CA PRO D 114 6.96 11.91 -12.25
C PRO D 114 6.07 13.13 -11.96
N SER D 115 4.74 12.94 -12.03
CA SER D 115 3.78 13.92 -11.50
C SER D 115 3.44 13.46 -10.08
N GLN D 116 3.66 14.31 -9.07
CA GLN D 116 3.39 13.95 -7.65
C GLN D 116 2.58 15.01 -6.95
N ARG D 117 1.82 14.54 -5.98
CA ARG D 117 1.07 15.39 -5.10
C ARG D 117 1.88 15.40 -3.81
N VAL D 118 2.27 16.60 -3.37
CA VAL D 118 3.22 16.76 -2.28
C VAL D 118 2.66 17.76 -1.28
N ARG D 119 2.72 17.39 0.01
CA ARG D 119 2.22 18.21 1.10
C ARG D 119 3.41 18.76 1.92
N PHE D 120 3.32 20.04 2.30
CA PHE D 120 4.35 20.74 3.09
C PHE D 120 3.68 21.66 4.08
N THR D 121 4.42 22.17 5.05
CA THR D 121 3.87 23.25 5.85
C THR D 121 4.23 24.60 5.26
N CYS D 122 3.32 25.56 5.43
CA CYS D 122 3.50 26.91 4.90
C CYS D 122 2.64 27.85 5.73
N ASP D 123 3.22 28.95 6.20
CA ASP D 123 2.45 30.00 6.86
C ASP D 123 1.44 30.66 5.93
N LEU D 124 0.16 30.35 6.15
CA LEU D 124 -0.91 30.82 5.28
C LEU D 124 -1.66 32.06 5.78
N ILE D 125 -1.03 32.80 6.69
CA ILE D 125 -1.73 33.93 7.31
C ILE D 125 -2.11 35.00 6.27
N ASN D 126 -1.33 35.13 5.21
CA ASN D 126 -1.59 36.15 4.18
C ASN D 126 -2.16 35.61 2.89
N VAL D 127 -2.72 34.39 2.91
CA VAL D 127 -3.13 33.76 1.66
C VAL D 127 -4.28 34.50 0.98
N ASP D 128 -5.04 35.23 1.76
CA ASP D 128 -6.21 35.90 1.26
C ASP D 128 -5.96 37.40 1.18
N THR D 129 -4.71 37.79 1.00
CA THR D 129 -4.35 39.20 0.85
C THR D 129 -3.61 39.43 -0.46
N GLU D 130 -3.11 40.65 -0.63
CA GLU D 130 -2.33 41.04 -1.81
C GLU D 130 -0.93 40.38 -1.95
N PRO D 131 -0.07 40.46 -0.93
CA PRO D 131 1.22 39.75 -1.00
C PRO D 131 1.06 38.20 -1.21
N GLY D 132 -0.10 37.65 -0.89
CA GLY D 132 -0.29 36.20 -0.94
C GLY D 132 0.50 35.49 0.13
N ALA D 133 0.49 34.16 0.10
CA ALA D 133 1.33 33.36 0.95
C ALA D 133 2.54 32.94 0.13
N THR D 134 3.71 32.87 0.76
CA THR D 134 4.94 32.45 0.10
C THR D 134 5.36 31.10 0.67
N CYS D 135 5.60 30.11 -0.20
CA CYS D 135 5.93 28.74 0.22
C CYS D 135 7.21 28.28 -0.42
N ARG D 136 7.86 27.28 0.16
CA ARG D 136 9.08 26.72 -0.45
C ARG D 136 9.03 25.21 -0.55
N ILE D 137 9.61 24.66 -1.60
CA ILE D 137 9.74 23.22 -1.74
C ILE D 137 11.21 22.91 -1.98
N LYS D 138 11.81 22.05 -1.16
CA LYS D 138 13.21 21.75 -1.36
C LYS D 138 13.43 20.30 -1.78
N VAL D 139 14.15 20.11 -2.88
CA VAL D 139 14.30 18.78 -3.48
C VAL D 139 15.75 18.44 -3.72
N GLY D 140 16.17 17.24 -3.35
CA GLY D 140 17.52 16.81 -3.70
C GLY D 140 17.66 15.33 -3.55
N SER D 141 18.84 14.80 -3.89
CA SER D 141 19.11 13.42 -3.58
C SER D 141 19.15 13.20 -2.05
N TRP D 142 18.44 12.20 -1.56
CA TRP D 142 18.54 11.88 -0.11
C TRP D 142 19.92 11.31 0.27
N THR D 143 20.48 10.45 -0.58
CA THR D 143 21.68 9.73 -0.19
C THR D 143 22.89 9.80 -1.09
N HIS D 144 22.82 10.56 -2.18
CA HIS D 144 24.00 10.68 -3.08
C HIS D 144 24.54 12.10 -2.97
N ASP D 145 25.77 12.23 -2.47
CA ASP D 145 26.38 13.55 -2.26
C ASP D 145 26.91 14.09 -3.59
N ASN D 146 27.36 15.33 -3.63
CA ASN D 146 27.66 15.91 -4.96
C ASN D 146 28.98 15.44 -5.58
N LYS D 147 29.74 14.62 -4.87
CA LYS D 147 30.86 13.89 -5.48
C LYS D 147 30.35 12.82 -6.45
N GLN D 148 29.07 12.48 -6.34
CA GLN D 148 28.50 11.41 -7.15
C GLN D 148 27.34 11.86 -8.00
N PHE D 149 26.56 12.80 -7.46
CA PHE D 149 25.25 13.21 -7.98
C PHE D 149 25.24 14.72 -7.91
N ALA D 150 25.36 15.35 -9.08
CA ALA D 150 25.39 16.80 -9.16
C ALA D 150 24.14 17.29 -9.86
N LEU D 151 23.35 18.13 -9.20
CA LEU D 151 22.18 18.74 -9.85
C LEU D 151 22.57 19.80 -10.88
N ILE D 152 21.91 19.78 -12.03
CA ILE D 152 21.97 20.92 -12.97
C ILE D 152 20.53 21.30 -13.27
N THR D 153 20.31 22.48 -13.82
CA THR D 153 18.95 22.95 -14.05
C THR D 153 18.87 23.94 -15.21
N GLY D 154 17.64 24.24 -15.62
CA GLY D 154 17.39 24.91 -16.91
C GLY D 154 18.37 26.02 -17.18
N GLU D 155 18.88 26.05 -18.40
CA GLU D 155 19.81 27.10 -18.88
C GLU D 155 19.26 28.53 -18.62
N GLU D 156 19.03 28.80 -17.32
CA GLU D 156 18.43 30.04 -16.76
C GLU D 156 17.81 31.05 -17.74
N GLY D 157 16.82 30.59 -18.50
CA GLY D 157 15.99 31.47 -19.32
C GLY D 157 14.86 30.68 -19.91
N VAL D 158 14.84 29.39 -19.55
CA VAL D 158 13.84 28.45 -19.97
C VAL D 158 13.31 27.74 -18.71
N VAL D 159 13.82 28.19 -17.56
CA VAL D 159 13.15 27.94 -16.27
C VAL D 159 11.85 28.78 -16.17
N ASN D 160 10.72 28.13 -16.46
CA ASN D 160 9.40 28.73 -16.31
C ASN D 160 8.54 27.76 -15.50
N ILE D 161 8.69 27.81 -14.18
CA ILE D 161 8.01 26.86 -13.27
C ILE D 161 6.47 26.98 -13.32
N ALA D 162 5.97 28.20 -13.52
CA ALA D 162 4.53 28.51 -13.55
C ALA D 162 3.87 28.26 -14.90
N GLU D 163 4.61 27.73 -15.87
CA GLU D 163 4.14 27.64 -17.26
C GLU D 163 2.77 26.99 -17.50
N TYR D 164 2.50 25.86 -16.84
CA TYR D 164 1.24 25.17 -17.04
C TYR D 164 0.30 25.26 -15.83
N PHE D 165 0.59 26.14 -14.89
CA PHE D 165 -0.24 26.27 -13.69
C PHE D 165 -1.71 26.55 -14.02
N ASP D 166 -2.63 25.89 -13.31
CA ASP D 166 -4.04 26.10 -13.59
C ASP D 166 -4.89 25.72 -12.39
N SER D 167 -5.61 26.71 -11.86
CA SER D 167 -6.44 26.54 -10.69
C SER D 167 -7.65 27.48 -10.72
N PRO D 168 -8.84 26.97 -10.40
CA PRO D 168 -10.01 27.85 -10.23
C PRO D 168 -10.09 28.54 -8.86
N LYS D 169 -9.20 28.16 -7.92
CA LYS D 169 -9.25 28.67 -6.55
C LYS D 169 -8.09 29.57 -6.13
N PHE D 170 -6.94 29.45 -6.81
CA PHE D 170 -5.74 30.19 -6.41
C PHE D 170 -5.06 30.86 -7.60
N ASP D 171 -4.53 32.07 -7.39
CA ASP D 171 -3.67 32.77 -8.37
C ASP D 171 -2.24 32.51 -7.97
N LEU D 172 -1.43 31.98 -8.88
CA LEU D 172 -0.01 31.85 -8.63
C LEU D 172 0.61 33.18 -8.97
N LEU D 173 1.24 33.79 -7.97
CA LEU D 173 1.74 35.16 -8.14
C LEU D 173 3.16 35.18 -8.72
N SER D 174 3.97 34.21 -8.29
CA SER D 174 5.32 34.00 -8.79
C SER D 174 5.84 32.63 -8.36
N ALA D 175 6.87 32.14 -9.08
CA ALA D 175 7.57 30.92 -8.73
C ALA D 175 8.95 30.98 -9.32
N THR D 176 9.96 30.80 -8.46
CA THR D 176 11.35 30.81 -8.89
C THR D 176 12.04 29.66 -8.19
N GLN D 177 13.31 29.44 -8.51
CA GLN D 177 14.11 28.41 -7.86
C GLN D 177 15.54 28.84 -7.67
N SER D 178 16.23 28.15 -6.78
CA SER D 178 17.66 28.27 -6.76
C SER D 178 18.32 26.93 -6.53
N LEU D 179 19.54 26.83 -7.01
CA LEU D 179 20.31 25.61 -6.92
C LEU D 179 21.34 25.79 -5.84
N ASN D 180 21.26 24.94 -4.80
CA ASN D 180 22.10 25.10 -3.63
C ASN D 180 22.97 23.88 -3.39
N ARG D 181 23.96 24.04 -2.53
CA ARG D 181 24.93 23.02 -2.26
C ARG D 181 25.34 23.24 -0.80
N LYS D 182 24.93 22.32 0.07
CA LYS D 182 25.01 22.53 1.50
C LYS D 182 25.64 21.36 2.23
N LYS D 183 26.32 21.67 3.32
CA LYS D 183 26.96 20.69 4.18
C LYS D 183 26.02 20.09 5.25
N TYR D 184 25.98 18.75 5.36
CA TYR D 184 25.11 18.07 6.33
C TYR D 184 25.91 17.22 7.34
N SER D 185 25.33 16.95 8.50
CA SER D 185 26.10 16.41 9.63
C SER D 185 26.58 14.95 9.55
N CYS D 186 25.73 14.03 9.12
CA CYS D 186 26.15 12.63 8.90
C CYS D 186 27.29 12.56 7.88
N CYS D 187 27.46 13.68 7.20
CA CYS D 187 27.90 13.67 5.83
C CYS D 187 29.13 14.54 5.67
N GLU D 188 30.22 13.94 5.19
CA GLU D 188 31.45 14.69 5.06
C GLU D 188 31.44 15.59 3.81
N ASN D 189 30.86 15.11 2.71
CA ASN D 189 30.67 15.91 1.51
C ASN D 189 29.31 16.62 1.51
N MET D 190 29.14 17.52 0.55
CA MET D 190 27.94 18.32 0.44
C MET D 190 26.85 17.63 -0.40
N TYR D 191 25.63 18.10 -0.23
CA TYR D 191 24.48 17.63 -0.96
C TYR D 191 23.89 18.75 -1.76
N ASP D 192 23.60 18.50 -3.03
CA ASP D 192 22.88 19.47 -3.86
C ASP D 192 21.38 19.46 -3.62
N ASP D 193 20.76 20.64 -3.64
CA ASP D 193 19.31 20.77 -3.63
C ASP D 193 18.85 21.90 -4.54
N ILE D 194 17.61 21.80 -5.05
CA ILE D 194 16.93 22.91 -5.69
C ILE D 194 15.80 23.27 -4.76
N GLU D 195 15.72 24.57 -4.48
CA GLU D 195 14.61 25.11 -3.70
C GLU D 195 13.72 25.94 -4.59
N ILE D 196 12.43 25.58 -4.60
CA ILE D 196 11.41 26.30 -5.33
C ILE D 196 10.75 27.22 -4.31
N THR D 197 10.57 28.48 -4.67
CA THR D 197 9.84 29.44 -3.83
C THR D 197 8.67 29.89 -4.66
N PHE D 198 7.46 29.81 -4.11
CA PHE D 198 6.32 30.34 -4.84
C PHE D 198 5.41 31.17 -3.95
N ALA D 199 4.72 32.15 -4.55
CA ALA D 199 3.70 32.91 -3.84
C ALA D 199 2.38 32.76 -4.55
N PHE D 200 1.33 32.53 -3.76
CA PHE D 200 -0.04 32.45 -4.29
C PHE D 200 -1.06 33.14 -3.37
N ARG D 201 -2.25 33.40 -3.88
CA ARG D 201 -3.35 33.92 -3.07
C ARG D 201 -4.68 33.34 -3.50
N LYS D 202 -5.65 33.33 -2.58
CA LYS D 202 -7.03 32.94 -2.94
C LYS D 202 -7.55 33.86 -4.03
N LYS D 203 -8.26 33.31 -5.02
CA LYS D 203 -8.98 34.18 -5.96
C LYS D 203 -10.19 34.74 -5.19
N GLN E 1 30.61 -1.59 -10.61
CA GLN E 1 31.37 -0.48 -9.93
C GLN E 1 31.58 -0.62 -8.38
N ILE E 2 31.08 -1.73 -7.81
CA ILE E 2 31.44 -2.14 -6.44
C ILE E 2 31.84 -3.62 -6.55
N ARG E 3 32.18 -4.26 -5.44
CA ARG E 3 32.38 -5.70 -5.45
C ARG E 3 31.05 -6.44 -5.33
N TRP E 4 30.37 -6.61 -6.47
CA TRP E 4 29.01 -7.17 -6.54
C TRP E 4 28.86 -8.52 -5.87
N THR E 5 29.86 -9.38 -6.03
CA THR E 5 29.82 -10.72 -5.46
C THR E 5 29.81 -10.69 -3.94
N LEU E 6 30.41 -9.66 -3.35
CA LEU E 6 30.33 -9.53 -1.90
C LEU E 6 28.90 -9.13 -1.51
N LEU E 7 28.24 -8.34 -2.36
CA LEU E 7 26.83 -8.03 -2.15
C LEU E 7 25.94 -9.27 -2.06
N ASN E 8 26.31 -10.34 -2.77
CA ASN E 8 25.64 -11.62 -2.62
C ASN E 8 25.68 -12.17 -1.22
N GLN E 9 26.81 -12.02 -0.55
CA GLN E 9 26.88 -12.45 0.86
C GLN E 9 26.10 -11.47 1.74
N ILE E 10 26.33 -10.17 1.56
CA ILE E 10 25.63 -9.15 2.36
C ILE E 10 24.12 -9.32 2.34
N THR E 11 23.56 -9.48 1.13
CA THR E 11 22.14 -9.62 0.95
C THR E 11 21.68 -10.99 1.45
N GLY E 12 22.55 -11.99 1.28
CA GLY E 12 22.28 -13.36 1.66
C GLY E 12 22.12 -13.50 3.17
N GLU E 13 22.86 -12.68 3.92
CA GLU E 13 22.77 -12.65 5.39
C GLU E 13 21.87 -11.52 5.89
N SER E 14 21.13 -10.85 5.03
CA SER E 14 20.33 -9.71 5.52
C SER E 14 19.19 -10.02 6.51
N ASP E 15 18.78 -11.26 6.65
CA ASP E 15 17.75 -11.60 7.66
C ASP E 15 18.22 -11.44 9.09
N VAL E 16 19.53 -11.55 9.30
CA VAL E 16 20.12 -11.66 10.64
C VAL E 16 21.06 -10.49 10.98
N ILE E 17 20.94 -9.96 12.20
CA ILE E 17 21.83 -8.90 12.70
C ILE E 17 23.31 -9.30 12.57
N PRO E 18 24.12 -8.43 11.97
CA PRO E 18 25.54 -8.73 11.72
C PRO E 18 26.42 -8.58 12.95
N LEU E 19 26.60 -9.68 13.68
CA LEU E 19 27.50 -9.67 14.83
C LEU E 19 28.91 -10.19 14.48
N SER E 20 29.93 -9.61 15.12
CA SER E 20 31.29 -10.17 15.18
C SER E 20 31.49 -10.89 16.52
N ASN E 21 31.57 -12.22 16.47
CA ASN E 21 31.70 -13.03 17.69
C ASN E 21 30.45 -12.86 18.58
N ASN E 22 30.64 -12.66 19.88
CA ASN E 22 29.51 -12.55 20.82
C ASN E 22 29.03 -11.12 21.08
N THR E 23 29.92 -10.15 20.86
CA THR E 23 29.67 -8.75 21.19
C THR E 23 28.40 -8.25 20.53
N PRO E 24 27.57 -7.53 21.28
CA PRO E 24 26.39 -6.85 20.69
C PRO E 24 26.82 -5.75 19.72
N LEU E 25 25.98 -5.51 18.73
CA LEU E 25 26.20 -4.48 17.72
C LEU E 25 25.87 -3.13 18.31
N ASN E 26 26.80 -2.19 18.21
CA ASN E 26 26.58 -0.84 18.64
C ASN E 26 25.82 -0.12 17.57
N VAL E 27 24.64 0.37 17.90
CA VAL E 27 23.84 1.11 16.95
C VAL E 27 23.62 2.46 17.56
N SER E 28 24.14 3.48 16.87
CA SER E 28 24.02 4.82 17.36
C SER E 28 22.82 5.56 16.74
N LEU E 29 22.05 6.26 17.57
CA LEU E 29 20.82 6.93 17.13
C LEU E 29 20.88 8.37 17.53
N ASN E 30 20.68 9.25 16.56
CA ASN E 30 20.46 10.66 16.86
C ASN E 30 19.17 11.13 16.19
N PHE E 31 18.55 12.14 16.75
CA PHE E 31 17.25 12.52 16.26
C PHE E 31 17.22 13.98 15.89
N LYS E 32 16.45 14.30 14.86
CA LYS E 32 16.04 15.65 14.57
C LYS E 32 14.53 15.71 14.49
N LEU E 33 13.91 16.48 15.40
CA LEU E 33 12.51 16.82 15.25
C LEU E 33 12.36 18.00 14.31
N MET E 34 11.64 17.78 13.21
CA MET E 34 11.57 18.71 12.09
C MET E 34 10.38 19.61 12.20
N ASN E 35 9.28 19.07 12.74
CA ASN E 35 8.00 19.74 12.68
C ASN E 35 6.99 18.96 13.53
N ILE E 36 5.97 19.67 13.99
CA ILE E 36 4.78 19.06 14.58
C ILE E 36 3.65 19.43 13.64
N VAL E 37 3.06 18.44 13.00
CA VAL E 37 2.07 18.70 11.97
C VAL E 37 0.60 18.43 12.32
N GLU E 38 0.35 17.80 13.48
CA GLU E 38 -1.03 17.70 14.02
C GLU E 38 -0.91 17.79 15.53
N ALA E 39 -1.80 18.56 16.13
CA ALA E 39 -1.97 18.54 17.58
C ALA E 39 -3.45 18.63 17.84
N ASP E 40 -4.08 17.47 17.99
CA ASP E 40 -5.52 17.32 18.16
C ASP E 40 -5.92 17.25 19.64
N THR E 41 -6.50 18.34 20.13
CA THR E 41 -6.79 18.51 21.54
C THR E 41 -8.06 17.79 21.91
N GLU E 42 -8.92 17.48 20.95
CA GLU E 42 -10.10 16.67 21.20
C GLU E 42 -9.75 15.20 21.36
N LYS E 43 -8.88 14.69 20.49
CA LYS E 43 -8.37 13.31 20.55
C LYS E 43 -7.15 13.08 21.44
N ASP E 44 -6.42 14.14 21.76
CA ASP E 44 -5.14 14.05 22.48
C ASP E 44 -4.13 13.21 21.72
N GLN E 45 -3.77 13.68 20.51
CA GLN E 45 -2.91 12.94 19.59
C GLN E 45 -2.10 13.97 18.81
N VAL E 46 -0.83 13.67 18.66
CA VAL E 46 0.14 14.57 18.00
C VAL E 46 0.76 13.80 16.85
N GLU E 47 1.09 14.51 15.77
CA GLU E 47 1.91 13.97 14.68
C GLU E 47 3.14 14.83 14.50
N VAL E 48 4.29 14.17 14.41
CA VAL E 48 5.56 14.85 14.18
C VAL E 48 6.25 14.37 12.91
N VAL E 49 7.16 15.17 12.38
CA VAL E 49 8.08 14.71 11.40
C VAL E 49 9.40 14.62 12.13
N LEU E 50 10.05 13.49 11.98
CA LEU E 50 11.24 13.19 12.76
C LEU E 50 12.24 12.49 11.85
N TRP E 51 13.50 12.92 11.89
CA TRP E 51 14.58 12.12 11.28
C TRP E 51 15.28 11.29 12.36
N THR E 52 15.41 10.00 12.12
CA THR E 52 16.23 9.15 12.95
C THR E 52 17.51 8.90 12.19
N GLN E 53 18.62 9.39 12.73
CA GLN E 53 19.93 9.14 12.13
C GLN E 53 20.54 7.94 12.84
N ALA E 54 20.69 6.83 12.13
CA ALA E 54 21.17 5.59 12.72
C ALA E 54 22.44 5.20 12.03
N SER E 55 23.41 4.71 12.81
CA SER E 55 24.64 4.21 12.24
C SER E 55 25.19 3.03 13.02
N TRP E 56 25.81 2.13 12.28
CA TRP E 56 26.43 0.95 12.84
C TRP E 56 27.60 0.54 11.92
N LYS E 57 28.43 -0.38 12.38
CA LYS E 57 29.59 -0.78 11.58
C LYS E 57 29.59 -2.25 11.38
N VAL E 58 29.86 -2.69 10.15
CA VAL E 58 30.08 -4.10 9.89
C VAL E 58 31.42 -4.17 9.13
N PRO E 59 32.52 -4.46 9.84
CA PRO E 59 33.85 -4.50 9.23
C PRO E 59 33.96 -5.24 7.87
N TYR E 60 33.34 -6.41 7.73
CA TYR E 60 33.43 -7.14 6.46
C TYR E 60 32.81 -6.43 5.26
N TYR E 61 32.07 -5.35 5.49
CA TYR E 61 31.48 -4.57 4.39
C TYR E 61 32.54 -3.71 3.74
N SER E 62 33.66 -3.49 4.42
CA SER E 62 34.72 -2.64 3.87
C SER E 62 35.30 -3.15 2.54
N SER E 63 35.16 -4.43 2.23
CA SER E 63 35.68 -4.93 0.97
C SER E 63 34.79 -4.52 -0.21
N LEU E 64 33.62 -3.98 0.08
CA LEU E 64 32.68 -3.61 -0.97
C LEU E 64 33.25 -2.52 -1.88
N LEU E 65 34.05 -1.63 -1.32
CA LEU E 65 34.54 -0.47 -2.08
C LEU E 65 36.06 -0.47 -2.25
N SER E 66 36.74 -1.41 -1.60
CA SER E 66 38.22 -1.47 -1.64
C SER E 66 38.85 -1.28 -3.04
N SER E 67 38.16 -1.78 -4.08
CA SER E 67 38.60 -1.69 -5.48
C SER E 67 38.11 -0.47 -6.26
N SER E 68 37.34 0.42 -5.65
CA SER E 68 36.64 1.44 -6.41
C SER E 68 36.97 2.88 -5.99
N SER E 69 36.81 3.77 -6.94
CA SER E 69 37.03 5.19 -6.72
C SER E 69 35.84 5.84 -5.98
N LEU E 70 34.82 5.05 -5.64
CA LEU E 70 33.73 5.50 -4.76
C LEU E 70 34.22 5.53 -3.31
N ASP E 71 33.98 6.64 -2.61
CA ASP E 71 34.27 6.74 -1.15
C ASP E 71 33.18 6.16 -0.26
N GLN E 72 31.99 6.02 -0.84
CA GLN E 72 30.83 5.53 -0.14
C GLN E 72 29.86 5.10 -1.22
N VAL E 73 28.97 4.18 -0.89
CA VAL E 73 27.97 3.77 -1.86
C VAL E 73 26.59 3.73 -1.21
N SER E 74 25.62 4.28 -1.92
CA SER E 74 24.23 4.24 -1.49
C SER E 74 23.55 3.01 -2.08
N LEU E 75 22.85 2.26 -1.22
CA LEU E 75 22.18 1.05 -1.62
C LEU E 75 20.76 0.96 -1.09
N PRO E 76 19.88 0.27 -1.80
CA PRO E 76 18.53 0.00 -1.31
C PRO E 76 18.58 -0.68 0.07
N VAL E 77 17.71 -0.26 0.97
CA VAL E 77 17.60 -0.85 2.32
C VAL E 77 17.49 -2.37 2.24
N SER E 78 16.86 -2.85 1.18
CA SER E 78 16.51 -4.28 1.08
C SER E 78 17.72 -5.14 0.85
N LYS E 79 18.86 -4.53 0.53
CA LYS E 79 20.07 -5.31 0.21
C LYS E 79 20.89 -5.70 1.41
N MET E 80 20.58 -5.15 2.59
CA MET E 80 21.35 -5.53 3.76
C MET E 80 20.49 -5.53 5.01
N TRP E 81 21.06 -6.01 6.11
CA TRP E 81 20.32 -5.96 7.37
C TRP E 81 20.28 -4.49 7.79
N THR E 82 19.12 -3.97 8.19
CA THR E 82 19.05 -2.66 8.85
C THR E 82 18.28 -2.83 10.17
N PRO E 83 18.45 -1.91 11.12
CA PRO E 83 17.83 -2.06 12.46
C PRO E 83 16.31 -2.07 12.42
N ASP E 84 15.70 -2.97 13.21
CA ASP E 84 14.25 -3.01 13.25
C ASP E 84 13.68 -2.06 14.30
N LEU E 85 13.95 -0.77 14.11
CA LEU E 85 13.52 0.26 15.04
C LEU E 85 12.00 0.37 15.01
N SER E 86 11.39 0.55 16.16
CA SER E 86 9.97 0.79 16.18
C SER E 86 9.70 1.88 17.18
N PHE E 87 8.58 2.58 17.00
CA PHE E 87 8.11 3.52 17.99
C PHE E 87 7.19 2.75 18.94
N TYR E 88 7.64 2.56 20.17
N TYR E 88 7.66 2.58 20.16
CA TYR E 88 6.87 1.74 21.13
CA TYR E 88 6.97 1.74 21.16
C TYR E 88 5.52 2.34 21.37
C TYR E 88 5.63 2.37 21.57
N ASN E 89 5.43 3.66 21.28
CA ASN E 89 4.19 4.35 21.54
C ASN E 89 3.48 4.90 20.30
N ALA E 90 3.82 4.42 19.12
CA ALA E 90 3.05 4.79 17.92
C ALA E 90 1.61 4.23 17.99
N ILE E 91 0.66 5.06 17.57
CA ILE E 91 -0.74 4.71 17.41
C ILE E 91 -1.17 4.62 15.94
N ALA E 92 -0.25 4.88 15.02
CA ALA E 92 -0.49 4.66 13.58
C ALA E 92 0.84 4.23 13.01
N ALA E 93 0.84 3.51 11.90
CA ALA E 93 2.09 3.02 11.35
C ALA E 93 2.88 4.27 10.86
N PRO E 94 4.16 4.36 11.16
CA PRO E 94 4.95 5.51 10.71
C PRO E 94 5.03 5.57 9.18
N GLU E 95 5.03 6.77 8.61
CA GLU E 95 4.99 6.95 7.17
C GLU E 95 6.39 7.41 6.75
N LEU E 96 7.07 6.65 5.90
CA LEU E 96 8.40 7.02 5.47
C LEU E 96 8.27 8.15 4.46
N LEU E 97 9.09 9.19 4.63
CA LEU E 97 8.99 10.39 3.77
C LEU E 97 10.19 10.60 2.84
N SER E 98 11.23 9.81 3.03
CA SER E 98 12.48 9.90 2.31
C SER E 98 12.82 8.58 1.62
N ALA E 99 13.77 8.65 0.68
CA ALA E 99 14.30 7.47 -0.07
C ALA E 99 14.74 6.36 0.87
N ASP E 100 14.32 5.11 0.61
CA ASP E 100 14.68 4.01 1.53
C ASP E 100 16.01 3.37 1.09
N ARG E 101 17.09 4.05 1.46
CA ARG E 101 18.44 3.72 1.02
C ARG E 101 19.35 4.02 2.18
N VAL E 102 20.46 3.28 2.24
CA VAL E 102 21.48 3.41 3.27
C VAL E 102 22.77 3.70 2.51
N VAL E 103 23.76 4.22 3.23
CA VAL E 103 25.08 4.51 2.66
C VAL E 103 26.13 3.75 3.41
N VAL E 104 26.92 2.95 2.70
CA VAL E 104 28.06 2.25 3.27
C VAL E 104 29.36 3.03 2.94
N SER E 105 30.19 3.25 3.97
CA SER E 105 31.55 3.83 3.82
C SER E 105 32.61 2.79 3.60
N LYS E 106 33.77 3.25 3.12
CA LYS E 106 34.90 2.35 2.89
C LYS E 106 35.34 1.56 4.09
N ASP E 107 35.10 2.05 5.30
CA ASP E 107 35.45 1.22 6.48
C ASP E 107 34.32 0.29 6.96
N GLY E 108 33.23 0.24 6.21
CA GLY E 108 32.13 -0.68 6.49
C GLY E 108 31.14 -0.12 7.50
N SER E 109 31.24 1.17 7.77
CA SER E 109 30.22 1.79 8.59
C SER E 109 29.03 2.18 7.73
N VAL E 110 27.84 2.03 8.31
CA VAL E 110 26.59 2.17 7.58
C VAL E 110 25.78 3.28 8.25
N ILE E 111 25.22 4.17 7.42
CA ILE E 111 24.37 5.29 7.83
C ILE E 111 22.99 5.13 7.15
N TYR E 112 21.93 5.27 7.96
CA TYR E 112 20.53 5.10 7.54
C TYR E 112 19.78 6.26 8.20
N VAL E 113 19.16 7.15 7.43
CA VAL E 113 18.45 8.28 7.99
C VAL E 113 17.02 8.34 7.45
N PRO E 114 16.11 7.57 8.00
CA PRO E 114 14.71 7.71 7.64
C PRO E 114 14.02 8.98 8.20
N SER E 115 13.33 9.70 7.35
CA SER E 115 12.41 10.73 7.78
C SER E 115 11.00 10.16 7.79
N GLN E 116 10.30 10.29 8.92
CA GLN E 116 8.99 9.69 9.14
C GLN E 116 8.02 10.63 9.82
N ARG E 117 6.75 10.57 9.41
CA ARG E 117 5.66 11.18 10.14
C ARG E 117 5.13 10.09 11.09
N VAL E 118 5.07 10.40 12.39
CA VAL E 118 4.71 9.41 13.43
C VAL E 118 3.61 10.04 14.28
N ARG E 119 2.62 9.23 14.64
CA ARG E 119 1.48 9.69 15.42
C ARG E 119 1.48 8.98 16.78
N PHE E 120 1.20 9.74 17.83
CA PHE E 120 1.15 9.19 19.17
C PHE E 120 0.17 10.02 20.01
N THR E 121 -0.24 9.42 21.12
CA THR E 121 -1.10 10.02 22.13
C THR E 121 -0.28 10.97 22.99
N CYS E 122 -0.80 12.18 23.22
CA CYS E 122 -0.22 13.13 24.14
C CYS E 122 -1.32 13.93 24.81
N ASP E 123 -1.24 14.13 26.12
CA ASP E 123 -2.20 15.02 26.81
C ASP E 123 -1.92 16.46 26.45
N LEU E 124 -2.83 17.05 25.70
CA LEU E 124 -2.60 18.38 25.16
C LEU E 124 -3.41 19.44 25.88
N ILE E 125 -3.93 19.09 27.06
CA ILE E 125 -4.68 20.07 27.84
C ILE E 125 -3.96 21.41 28.00
N ASN E 126 -2.62 21.41 28.07
CA ASN E 126 -1.84 22.65 28.27
C ASN E 126 -1.15 23.20 27.02
N VAL E 127 -1.57 22.75 25.83
CA VAL E 127 -0.87 23.12 24.59
C VAL E 127 -0.97 24.59 24.28
N ASP E 128 -2.00 25.25 24.79
CA ASP E 128 -2.20 26.68 24.53
C ASP E 128 -1.89 27.56 25.74
N THR E 129 -0.87 27.18 26.49
CA THR E 129 -0.42 27.97 27.62
C THR E 129 1.07 28.12 27.46
N GLU E 130 1.64 29.00 28.30
CA GLU E 130 3.07 29.27 28.34
C GLU E 130 4.01 28.06 28.54
N PRO E 131 3.80 27.20 29.54
CA PRO E 131 4.63 25.99 29.64
C PRO E 131 4.44 24.94 28.51
N GLY E 132 3.30 25.01 27.80
CA GLY E 132 2.99 24.10 26.71
C GLY E 132 2.69 22.68 27.13
N ALA E 133 2.62 21.78 26.16
CA ALA E 133 2.36 20.38 26.42
C ALA E 133 3.63 19.53 26.30
N THR E 134 3.77 18.54 27.15
CA THR E 134 4.91 17.66 27.15
C THR E 134 4.56 16.30 26.57
N CYS E 135 5.30 15.92 25.53
CA CYS E 135 5.06 14.66 24.82
C CYS E 135 6.33 13.85 24.85
N ARG E 136 6.18 12.53 24.61
CA ARG E 136 7.30 11.58 24.64
C ARG E 136 7.23 10.59 23.46
N ILE E 137 8.39 10.22 22.93
CA ILE E 137 8.51 9.33 21.76
C ILE E 137 9.53 8.29 22.19
N LYS E 138 9.11 7.03 22.21
CA LYS E 138 9.96 5.95 22.65
C LYS E 138 10.39 5.12 21.44
N VAL E 139 11.71 4.95 21.26
CA VAL E 139 12.26 4.27 20.07
C VAL E 139 13.27 3.22 20.44
N GLY E 140 13.18 2.06 19.82
CA GLY E 140 14.08 0.96 20.13
C GLY E 140 13.87 -0.21 19.20
N SER E 141 14.75 -1.21 19.27
CA SER E 141 14.57 -2.39 18.43
C SER E 141 13.37 -3.16 18.95
N TRP E 142 12.51 -3.63 18.06
CA TRP E 142 11.37 -4.45 18.48
C TRP E 142 11.73 -5.85 18.91
N THR E 143 12.75 -6.44 18.29
CA THR E 143 13.05 -7.84 18.49
C THR E 143 14.50 -8.17 18.78
N HIS E 144 15.38 -7.16 18.89
CA HIS E 144 16.79 -7.45 19.23
C HIS E 144 17.08 -6.93 20.64
N ASP E 145 17.21 -7.84 21.61
CA ASP E 145 17.47 -7.43 23.00
C ASP E 145 18.87 -6.91 23.12
N ASN E 146 19.21 -6.41 24.31
CA ASN E 146 20.46 -5.67 24.45
C ASN E 146 21.73 -6.51 24.45
N LYS E 147 21.57 -7.83 24.46
CA LYS E 147 22.70 -8.76 24.25
C LYS E 147 23.12 -8.82 22.79
N GLN E 148 22.25 -8.36 21.90
CA GLN E 148 22.58 -8.37 20.48
C GLN E 148 22.72 -6.98 19.89
N PHE E 149 21.95 -6.05 20.44
CA PHE E 149 21.73 -4.76 19.82
C PHE E 149 21.86 -3.70 20.90
N ALA E 150 22.97 -2.99 20.89
CA ALA E 150 23.25 -1.99 21.91
C ALA E 150 23.04 -0.59 21.37
N LEU E 151 22.11 0.16 21.97
CA LEU E 151 21.89 1.55 21.61
C LEU E 151 22.88 2.47 22.26
N ILE E 152 23.45 3.34 21.44
CA ILE E 152 24.31 4.39 21.93
C ILE E 152 23.92 5.69 21.22
N THR E 153 24.34 6.82 21.77
CA THR E 153 23.92 8.09 21.23
C THR E 153 24.95 9.18 21.55
N GLY E 154 24.78 10.36 20.93
CA GLY E 154 25.72 11.48 21.11
C GLY E 154 25.82 11.97 22.54
N GLU E 155 27.00 12.59 23.00
CA GLU E 155 27.22 13.06 24.39
C GLU E 155 26.30 14.24 24.81
N GLU E 156 26.91 15.35 25.25
CA GLU E 156 26.20 16.61 25.46
C GLU E 156 26.70 17.67 24.45
N GLY E 157 27.22 17.20 23.31
CA GLY E 157 27.74 18.05 22.26
C GLY E 157 26.92 17.96 20.97
N VAL E 158 27.04 17.11 20.61
CA VAL E 158 26.53 16.74 19.29
C VAL E 158 24.98 16.57 19.27
N VAL E 159 24.39 16.44 20.46
CA VAL E 159 22.94 16.27 20.62
C VAL E 159 22.22 17.62 20.56
N ASN E 160 21.54 17.89 19.44
CA ASN E 160 20.66 19.04 19.30
C ASN E 160 19.40 18.67 18.48
N ILE E 161 18.40 18.14 19.18
CA ILE E 161 17.24 17.55 18.56
C ILE E 161 16.41 18.59 17.81
N ALA E 162 16.46 19.83 18.27
CA ALA E 162 15.60 20.91 17.78
C ALA E 162 16.30 21.68 16.67
N GLU E 163 17.47 21.24 16.27
CA GLU E 163 18.33 22.03 15.39
C GLU E 163 17.64 22.53 14.11
N TYR E 164 16.80 21.69 13.51
CA TYR E 164 16.17 22.05 12.26
C TYR E 164 14.69 22.43 12.42
N PHE E 165 14.18 22.39 13.65
CA PHE E 165 12.75 22.56 13.82
C PHE E 165 12.24 23.87 13.19
N ASP E 166 11.15 23.76 12.43
CA ASP E 166 10.44 24.94 11.98
C ASP E 166 8.98 24.67 11.88
N SER E 167 8.18 25.52 12.49
CA SER E 167 6.73 25.42 12.35
C SER E 167 6.16 26.80 12.51
N PRO E 168 5.25 27.15 11.59
CA PRO E 168 4.48 28.39 11.69
C PRO E 168 3.35 28.36 12.71
N LYS E 169 3.06 27.19 13.28
CA LYS E 169 1.93 26.99 14.15
C LYS E 169 2.30 26.65 15.61
N PHE E 170 3.46 26.05 15.83
CA PHE E 170 3.88 25.64 17.18
C PHE E 170 5.26 26.13 17.51
N ASP E 171 5.45 26.51 18.77
CA ASP E 171 6.76 26.75 19.33
C ASP E 171 7.26 25.49 19.99
N LEU E 172 8.44 25.04 19.59
CA LEU E 172 9.17 24.00 20.26
C LEU E 172 9.95 24.62 21.41
N LEU E 173 9.53 24.29 22.63
CA LEU E 173 10.12 24.91 23.80
C LEU E 173 11.36 24.19 24.28
N SER E 174 11.45 22.89 24.07
CA SER E 174 12.58 22.12 24.53
C SER E 174 12.42 20.66 24.16
N ALA E 175 13.54 20.02 23.80
CA ALA E 175 13.57 18.63 23.46
C ALA E 175 14.82 17.98 24.02
N THR E 176 14.63 16.83 24.67
CA THR E 176 15.76 16.11 25.24
C THR E 176 15.61 14.62 24.97
N GLN E 177 16.68 13.87 25.18
CA GLN E 177 16.58 12.46 25.02
C GLN E 177 17.23 11.70 26.16
N SER E 178 16.80 10.47 26.36
CA SER E 178 17.33 9.72 27.46
C SER E 178 17.36 8.26 27.13
N LEU E 179 18.52 7.64 27.33
CA LEU E 179 18.62 6.21 27.13
C LEU E 179 17.97 5.50 28.31
N ASN E 180 17.21 4.46 28.05
CA ASN E 180 16.65 3.64 29.10
C ASN E 180 16.75 2.20 28.69
N ARG E 181 16.36 1.31 29.61
CA ARG E 181 16.46 -0.12 29.42
C ARG E 181 15.35 -0.81 30.17
N LYS E 182 14.52 -1.59 29.46
CA LYS E 182 13.36 -2.19 30.09
C LYS E 182 13.23 -3.69 29.82
N LYS E 183 12.75 -4.41 30.82
CA LYS E 183 12.35 -5.79 30.63
C LYS E 183 10.83 -5.83 30.38
N TYR E 184 10.39 -6.58 29.37
CA TYR E 184 8.95 -6.70 29.05
C TYR E 184 8.39 -8.06 29.45
N SER E 185 7.11 -8.06 29.82
CA SER E 185 6.45 -9.23 30.42
C SER E 185 6.41 -10.43 29.48
N CYS E 186 6.40 -10.18 28.18
CA CYS E 186 6.35 -11.26 27.19
C CYS E 186 7.69 -12.01 27.09
N CYS E 187 8.76 -11.36 27.55
CA CYS E 187 10.06 -11.64 27.01
C CYS E 187 11.16 -11.65 28.07
N GLU E 188 12.18 -12.48 27.83
CA GLU E 188 13.26 -12.77 28.78
C GLU E 188 14.21 -11.62 29.12
N ASN E 189 14.74 -10.98 28.07
CA ASN E 189 15.85 -10.04 28.24
C ASN E 189 15.40 -8.58 28.26
N MET E 190 16.37 -7.70 28.38
CA MET E 190 16.11 -6.27 28.42
C MET E 190 16.36 -5.66 27.05
N TYR E 191 15.57 -4.65 26.72
CA TYR E 191 15.69 -3.92 25.46
C TYR E 191 16.09 -2.50 25.79
N ASP E 192 17.08 -2.00 25.07
CA ASP E 192 17.45 -0.58 25.08
C ASP E 192 16.36 0.20 24.38
N ASP E 193 16.12 1.42 24.85
CA ASP E 193 15.30 2.37 24.14
C ASP E 193 15.80 3.78 24.42
N ILE E 194 15.56 4.69 23.48
CA ILE E 194 15.81 6.09 23.72
C ILE E 194 14.43 6.72 23.82
N GLU E 195 14.24 7.59 24.80
CA GLU E 195 13.00 8.32 24.88
C GLU E 195 13.26 9.77 24.61
N ILE E 196 12.52 10.36 23.69
CA ILE E 196 12.65 11.76 23.37
C ILE E 196 11.52 12.48 24.08
N THR E 197 11.88 13.47 24.89
CA THR E 197 10.87 14.28 25.57
C THR E 197 10.92 15.67 25.00
N PHE E 198 9.76 16.20 24.59
CA PHE E 198 9.69 17.55 24.09
C PHE E 198 8.45 18.28 24.60
N ALA E 199 8.55 19.61 24.61
CA ALA E 199 7.42 20.47 24.98
C ALA E 199 7.19 21.48 23.88
N PHE E 200 5.93 21.71 23.58
CA PHE E 200 5.56 22.67 22.58
C PHE E 200 4.27 23.34 22.99
N ARG E 201 4.00 24.48 22.38
CA ARG E 201 2.74 25.17 22.58
C ARG E 201 2.32 25.86 21.28
N LYS E 202 1.07 26.32 21.22
CA LYS E 202 0.58 27.06 20.06
C LYS E 202 1.27 28.42 19.94
N LYS E 203 1.54 28.86 18.71
CA LYS E 203 2.05 30.20 18.49
C LYS E 203 0.89 31.19 18.59
#